data_7LON
#
_entry.id   7LON
#
_cell.length_a   192.024
_cell.length_b   192.024
_cell.length_c   57.058
_cell.angle_alpha   90.000
_cell.angle_beta   90.000
_cell.angle_gamma   120.000
#
_symmetry.space_group_name_H-M   'P 31 1 2'
#
loop_
_entity.id
_entity.type
_entity.pdbx_description
1 polymer 'Ornithine aminotransferase, mitochondrial'
2 non-polymer THREONINE
3 non-polymer '(1R,3S,4R)-3-[({3-hydroxy-2-methyl-5-[(phosphonooxy)methyl]pyridin-4-yl}methyl)amino]-4-methylcyclohexane-1-carboxylic acid'
4 water water
#
_entity_poly.entity_id   1
_entity_poly.type   'polypeptide(L)'
_entity_poly.pdbx_seq_one_letter_code
;GPPTSDDIFEREYKYGAHNYHPLPVALERGKGIYLWDVEGRKYFDFLSSYSAVNQGHCHPKIVNALKSQVDKLTLTSRAF
YNNVLGEYEEYITKLFNYHKVLPMNTGVEAGETACKLARKWGYTVKGIQKYKAKIVFAAGNFWGRTLSAISSSTDPTSYD
GFGPFMPGFDIIPYNDLPALERALQDPNVAAFMVEPIQGEAGVVVPDPGYLMGVRELCTRHQVLFIADEIQTGLARTGRW
LAVDYENVRPDIVLLGKALSGGLYPVSAVLCDDDIMLTIKPGEHGSTYGGNPLGCRVAIAALEVLEEENLAENADKLGII
LRNELMKLPSDVVTAVRGKGLLNAIVIKETKDWDAWKVCLRLRDNGLLAKPTHGDIIRFAPPLVIKEDELRESIEIINKT
ILSF
;
_entity_poly.pdbx_strand_id   B,A,C
#
loop_
_chem_comp.id
_chem_comp.type
_chem_comp.name
_chem_comp.formula
7QP non-polymer '(1R,3S,4R)-3-[({3-hydroxy-2-methyl-5-[(phosphonooxy)methyl]pyridin-4-yl}methyl)amino]-4-methylcyclohexane-1-carboxylic acid' 'C16 H25 N2 O7 P'
#
# COMPACT_ATOMS: atom_id res chain seq x y z
N PRO A 3 -2.34 8.09 29.69
CA PRO A 3 -1.82 6.76 30.10
C PRO A 3 -0.98 6.12 28.96
N THR A 4 0.34 6.21 29.08
CA THR A 4 1.29 5.76 28.08
C THR A 4 1.51 4.26 28.15
N SER A 5 2.30 3.74 27.20
CA SER A 5 2.59 2.31 27.23
C SER A 5 3.44 1.97 28.45
N ASP A 6 4.42 2.82 28.78
CA ASP A 6 5.23 2.57 29.95
C ASP A 6 4.39 2.57 31.23
N ASP A 7 3.41 3.46 31.32
CA ASP A 7 2.53 3.45 32.49
C ASP A 7 1.74 2.15 32.59
N ILE A 8 1.27 1.63 31.45
CA ILE A 8 0.54 0.36 31.48
C ILE A 8 1.47 -0.76 31.96
N PHE A 9 2.68 -0.81 31.41
CA PHE A 9 3.63 -1.82 31.87
C PHE A 9 3.79 -1.73 33.39
N GLU A 10 4.03 -0.51 33.87
CA GLU A 10 4.33 -0.29 35.27
C GLU A 10 3.17 -0.67 36.20
N ARG A 11 1.95 -0.27 35.83
CA ARG A 11 0.81 -0.60 36.68
CA ARG A 11 0.79 -0.60 36.66
C ARG A 11 0.60 -2.11 36.78
N GLU A 12 0.69 -2.83 35.66
CA GLU A 12 0.54 -4.28 35.77
C GLU A 12 1.64 -4.88 36.63
N TYR A 13 2.85 -4.35 36.49
CA TYR A 13 3.94 -4.87 37.30
C TYR A 13 3.64 -4.68 38.79
N LYS A 14 3.01 -3.56 39.15
CA LYS A 14 2.68 -3.29 40.55
C LYS A 14 1.58 -4.22 41.07
N TYR A 15 0.48 -4.34 40.33
CA TYR A 15 -0.74 -4.90 40.90
C TYR A 15 -1.10 -6.29 40.37
N GLY A 16 -0.39 -6.80 39.36
CA GLY A 16 -0.71 -8.09 38.79
C GLY A 16 0.39 -9.10 39.07
N ALA A 17 -0.01 -10.36 39.16
CA ALA A 17 0.96 -11.45 39.24
C ALA A 17 1.98 -11.37 38.11
N HIS A 18 3.19 -11.88 38.36
CA HIS A 18 4.27 -11.87 37.37
C HIS A 18 4.37 -13.19 36.64
N ASN A 19 3.24 -13.75 36.21
CA ASN A 19 3.25 -15.05 35.56
C ASN A 19 3.48 -14.96 34.06
N TYR A 20 3.61 -13.76 33.52
CA TYR A 20 3.98 -13.55 32.13
C TYR A 20 5.06 -12.50 32.03
N HIS A 21 5.81 -12.56 30.93
CA HIS A 21 6.67 -11.46 30.49
C HIS A 21 6.26 -11.19 29.05
N PRO A 22 5.19 -10.43 28.82
CA PRO A 22 4.76 -10.15 27.45
C PRO A 22 5.73 -9.29 26.67
N LEU A 23 5.57 -9.36 25.35
CA LEU A 23 6.28 -8.41 24.52
C LEU A 23 5.84 -6.99 24.90
N PRO A 24 6.78 -6.06 25.10
CA PRO A 24 6.43 -4.68 25.50
C PRO A 24 5.65 -3.90 24.46
N VAL A 25 4.34 -4.14 24.38
CA VAL A 25 3.47 -3.31 23.54
C VAL A 25 2.11 -3.31 24.23
N ALA A 26 1.46 -2.15 24.27
CA ALA A 26 0.22 -1.98 25.04
C ALA A 26 -0.93 -1.63 24.09
N LEU A 27 -1.77 -2.60 23.83
CA LEU A 27 -2.81 -2.48 22.80
C LEU A 27 -4.11 -1.94 23.39
N GLU A 28 -4.82 -1.14 22.60
CA GLU A 28 -6.06 -0.50 23.02
C GLU A 28 -7.25 -0.86 22.14
N ARG A 29 -7.01 -1.28 20.89
CA ARG A 29 -8.05 -1.47 19.90
C ARG A 29 -7.63 -2.55 18.91
N GLY A 30 -8.59 -3.35 18.49
CA GLY A 30 -8.33 -4.39 17.51
C GLY A 30 -9.48 -4.44 16.53
N LYS A 31 -9.16 -4.67 15.26
CA LYS A 31 -10.21 -4.75 14.23
C LYS A 31 -9.65 -5.54 13.06
N GLY A 32 -10.21 -6.70 12.80
CA GLY A 32 -9.73 -7.52 11.68
C GLY A 32 -8.30 -7.98 11.95
N ILE A 33 -7.38 -7.70 11.01
CA ILE A 33 -5.99 -8.12 11.15
C ILE A 33 -5.13 -7.14 11.95
N TYR A 34 -5.68 -6.03 12.44
CA TYR A 34 -4.85 -4.95 12.96
C TYR A 34 -5.05 -4.70 14.45
N LEU A 35 -3.96 -4.32 15.11
CA LEU A 35 -3.99 -3.86 16.49
C LEU A 35 -3.39 -2.47 16.57
N TRP A 36 -3.92 -1.64 17.48
CA TRP A 36 -3.42 -0.30 17.73
C TRP A 36 -2.99 -0.20 19.19
N ASP A 37 -1.84 0.43 19.45
CA ASP A 37 -1.43 0.60 20.83
C ASP A 37 -1.94 1.94 21.34
N VAL A 38 -1.70 2.23 22.63
CA VAL A 38 -2.24 3.45 23.23
C VAL A 38 -1.61 4.69 22.64
N GLU A 39 -0.44 4.57 22.01
CA GLU A 39 0.12 5.70 21.27
C GLU A 39 -0.52 5.86 19.91
N GLY A 40 -1.42 4.97 19.52
CA GLY A 40 -2.03 5.07 18.22
C GLY A 40 -1.26 4.43 17.07
N ARG A 41 -0.22 3.64 17.36
CA ARG A 41 0.53 2.97 16.30
C ARG A 41 -0.22 1.72 15.85
N LYS A 42 -0.08 1.38 14.56
CA LYS A 42 -0.82 0.29 13.92
C LYS A 42 0.10 -0.89 13.67
N TYR A 43 -0.37 -2.10 14.00
CA TYR A 43 0.40 -3.33 13.87
C TYR A 43 -0.41 -4.40 13.17
N PHE A 44 0.24 -5.17 12.30
CA PHE A 44 -0.29 -6.47 11.91
C PHE A 44 -0.25 -7.40 13.11
N ASP A 45 -1.35 -8.08 13.37
CA ASP A 45 -1.40 -9.10 14.42
C ASP A 45 -1.02 -10.43 13.76
N PHE A 46 0.16 -10.94 14.08
CA PHE A 46 0.64 -12.21 13.55
C PHE A 46 0.67 -13.31 14.60
N LEU A 47 -0.14 -13.16 15.63
CA LEU A 47 -0.43 -14.22 16.59
C LEU A 47 -1.90 -14.60 16.62
N SER A 48 -2.79 -13.64 16.39
CA SER A 48 -4.23 -13.93 16.40
C SER A 48 -4.67 -14.49 17.74
N SER A 49 -4.07 -14.03 18.83
CA SER A 49 -4.40 -14.50 20.17
C SER A 49 -4.40 -16.02 20.25
N TYR A 50 -3.38 -16.62 19.63
CA TYR A 50 -3.23 -18.09 19.58
C TYR A 50 -4.43 -18.73 18.91
N SER A 51 -4.90 -18.13 17.81
CA SER A 51 -6.01 -18.61 16.97
C SER A 51 -7.37 -18.29 17.56
N ALA A 52 -7.46 -17.56 18.68
CA ALA A 52 -8.79 -17.22 19.16
C ALA A 52 -9.44 -16.17 18.26
N VAL A 53 -8.65 -15.32 17.55
CA VAL A 53 -9.29 -14.38 16.61
C VAL A 53 -9.00 -14.76 15.16
N ASN A 54 -9.22 -16.04 14.80
CA ASN A 54 -9.18 -16.46 13.41
C ASN A 54 -10.06 -15.57 12.53
N GLN A 55 -11.22 -15.15 13.07
CA GLN A 55 -12.18 -14.32 12.35
C GLN A 55 -11.78 -12.84 12.34
N GLY A 56 -10.60 -12.50 12.84
CA GLY A 56 -10.24 -11.11 13.04
C GLY A 56 -10.78 -10.55 14.34
N HIS A 57 -10.11 -9.49 14.83
CA HIS A 57 -10.53 -8.84 16.07
C HIS A 57 -11.88 -8.19 15.84
N CYS A 58 -12.82 -8.38 16.76
CA CYS A 58 -14.09 -7.66 16.78
C CYS A 58 -14.89 -7.85 15.49
N HIS A 59 -15.04 -9.09 15.04
CA HIS A 59 -15.84 -9.33 13.85
C HIS A 59 -17.26 -8.84 14.09
N PRO A 60 -17.81 -8.02 13.21
CA PRO A 60 -19.11 -7.38 13.51
C PRO A 60 -20.25 -8.39 13.68
N LYS A 61 -20.22 -9.53 13.00
CA LYS A 61 -21.33 -10.47 13.16
C LYS A 61 -21.29 -11.11 14.55
N ILE A 62 -20.09 -11.41 15.05
CA ILE A 62 -19.96 -11.98 16.38
C ILE A 62 -20.27 -10.92 17.45
N VAL A 63 -19.74 -9.71 17.26
CA VAL A 63 -20.10 -8.60 18.15
C VAL A 63 -21.62 -8.45 18.20
N ASN A 64 -22.30 -8.50 17.05
CA ASN A 64 -23.74 -8.28 17.02
C ASN A 64 -24.49 -9.40 17.74
N ALA A 65 -24.04 -10.66 17.60
CA ALA A 65 -24.64 -11.74 18.37
C ALA A 65 -24.51 -11.50 19.87
N LEU A 66 -23.32 -11.10 20.32
CA LEU A 66 -23.15 -10.81 21.75
C LEU A 66 -24.06 -9.65 22.20
N LYS A 67 -24.12 -8.57 21.43
CA LYS A 67 -24.91 -7.42 21.87
C LYS A 67 -26.39 -7.75 21.90
N SER A 68 -26.84 -8.57 20.96
CA SER A 68 -28.25 -8.93 20.97
C SER A 68 -28.59 -9.81 22.17
N GLN A 69 -27.71 -10.76 22.51
CA GLN A 69 -28.07 -11.71 23.56
C GLN A 69 -27.84 -11.15 24.95
N VAL A 70 -26.91 -10.20 25.12
CA VAL A 70 -26.60 -9.73 26.45
C VAL A 70 -27.78 -8.99 27.08
N ASP A 71 -28.69 -8.45 26.28
CA ASP A 71 -29.85 -7.78 26.85
C ASP A 71 -30.96 -8.74 27.22
N LYS A 72 -30.87 -9.98 26.79
CA LYS A 72 -31.96 -10.94 27.01
C LYS A 72 -31.71 -11.78 28.25
N LEU A 73 -30.54 -12.43 28.30
CA LEU A 73 -30.26 -13.49 29.27
C LEU A 73 -28.81 -13.87 29.08
N THR A 74 -27.99 -13.85 30.15
CA THR A 74 -26.61 -14.26 30.00
C THR A 74 -26.25 -15.52 30.77
N LEU A 75 -26.95 -15.84 31.86
CA LEU A 75 -26.57 -17.00 32.66
C LEU A 75 -27.70 -17.44 33.57
N THR A 76 -28.23 -18.65 33.36
CA THR A 76 -29.16 -19.24 34.32
C THR A 76 -28.49 -20.25 35.23
N SER A 77 -27.29 -20.71 34.87
CA SER A 77 -26.64 -21.93 35.34
C SER A 77 -27.38 -23.15 34.78
N ARG A 78 -26.78 -24.33 34.91
CA ARG A 78 -27.35 -25.56 34.39
C ARG A 78 -28.34 -26.19 35.35
N ALA A 79 -28.71 -25.49 36.42
CA ALA A 79 -29.80 -25.96 37.27
C ALA A 79 -31.13 -25.89 36.55
N PHE A 80 -31.21 -25.06 35.52
CA PHE A 80 -32.39 -24.89 34.69
C PHE A 80 -31.96 -24.98 33.23
N TYR A 81 -32.93 -24.97 32.31
CA TYR A 81 -32.61 -24.88 30.90
C TYR A 81 -32.66 -23.43 30.42
N ASN A 82 -31.78 -23.08 29.48
CA ASN A 82 -31.92 -21.84 28.72
C ASN A 82 -32.26 -22.17 27.26
N ASN A 83 -32.82 -21.19 26.56
CA ASN A 83 -33.37 -21.50 25.25
C ASN A 83 -32.31 -21.64 24.17
N VAL A 84 -31.08 -21.23 24.43
CA VAL A 84 -30.07 -21.12 23.37
C VAL A 84 -29.24 -22.38 23.26
N LEU A 85 -28.87 -22.97 24.41
CA LEU A 85 -27.86 -24.04 24.42
C LEU A 85 -28.19 -25.14 23.42
N GLY A 86 -29.44 -25.59 23.38
CA GLY A 86 -29.83 -26.66 22.44
C GLY A 86 -29.68 -26.29 20.97
N GLU A 87 -30.01 -25.04 20.60
CA GLU A 87 -29.80 -24.65 19.20
C GLU A 87 -28.33 -24.76 18.83
N TYR A 88 -27.45 -24.31 19.74
CA TYR A 88 -26.02 -24.38 19.52
C TYR A 88 -25.53 -25.82 19.47
N GLU A 89 -26.01 -26.67 20.37
CA GLU A 89 -25.61 -28.09 20.36
C GLU A 89 -26.00 -28.76 19.04
N GLU A 90 -27.24 -28.55 18.59
CA GLU A 90 -27.66 -29.13 17.32
C GLU A 90 -26.75 -28.64 16.21
N TYR A 91 -26.46 -27.33 16.22
CA TYR A 91 -25.64 -26.72 15.18
C TYR A 91 -24.24 -27.32 15.15
N ILE A 92 -23.54 -27.32 16.29
CA ILE A 92 -22.14 -27.72 16.24
C ILE A 92 -22.01 -29.24 16.06
N THR A 93 -22.92 -30.03 16.62
CA THR A 93 -22.79 -31.47 16.42
C THR A 93 -23.07 -31.85 14.99
N LYS A 94 -24.07 -31.20 14.35
CA LYS A 94 -24.29 -31.45 12.94
C LYS A 94 -23.14 -30.95 12.11
N LEU A 95 -22.49 -29.85 12.53
CA LEU A 95 -21.41 -29.31 11.73
C LEU A 95 -20.19 -30.24 11.67
N PHE A 96 -19.82 -30.82 12.82
CA PHE A 96 -18.67 -31.73 12.89
C PHE A 96 -19.05 -33.22 12.86
N ASN A 97 -20.35 -33.54 12.83
CA ASN A 97 -20.85 -34.91 12.65
C ASN A 97 -20.41 -35.82 13.80
N TYR A 98 -20.66 -35.38 15.04
CA TYR A 98 -20.68 -36.20 16.25
C TYR A 98 -22.07 -36.12 16.86
N HIS A 99 -22.44 -37.11 17.66
CA HIS A 99 -23.79 -37.10 18.22
C HIS A 99 -23.98 -35.95 19.19
N LYS A 100 -22.98 -35.70 20.04
CA LYS A 100 -23.19 -34.90 21.22
C LYS A 100 -22.01 -33.97 21.47
N VAL A 101 -22.30 -32.86 22.13
CA VAL A 101 -21.26 -31.95 22.59
C VAL A 101 -21.44 -31.75 24.09
N LEU A 102 -20.32 -31.64 24.80
CA LEU A 102 -20.32 -31.23 26.19
C LEU A 102 -19.70 -29.86 26.24
N PRO A 103 -20.44 -28.81 26.62
CA PRO A 103 -19.88 -27.45 26.59
C PRO A 103 -19.09 -27.10 27.84
N MET A 104 -17.96 -26.44 27.64
CA MET A 104 -17.17 -25.90 28.75
C MET A 104 -16.72 -24.48 28.36
N ASN A 105 -15.75 -23.95 29.11
CA ASN A 105 -15.38 -22.55 28.93
C ASN A 105 -13.98 -22.38 28.40
N THR A 106 -12.97 -22.97 29.03
CA THR A 106 -11.61 -22.81 28.53
C THR A 106 -11.11 -24.11 27.90
N GLY A 107 -10.01 -23.99 27.16
CA GLY A 107 -9.46 -25.17 26.51
C GLY A 107 -9.02 -26.24 27.49
N VAL A 108 -8.44 -25.82 28.60
CA VAL A 108 -7.96 -26.82 29.55
C VAL A 108 -9.13 -27.54 30.18
N GLU A 109 -10.24 -26.85 30.38
CA GLU A 109 -11.44 -27.54 30.87
C GLU A 109 -11.93 -28.56 29.85
N ALA A 110 -11.81 -28.26 28.55
CA ALA A 110 -12.19 -29.30 27.58
C ALA A 110 -11.23 -30.49 27.66
N GLY A 111 -9.92 -30.22 27.84
CA GLY A 111 -8.99 -31.33 27.97
C GLY A 111 -9.25 -32.14 29.23
N GLU A 112 -9.56 -31.46 30.33
CA GLU A 112 -9.90 -32.18 31.56
C GLU A 112 -11.13 -33.05 31.36
N THR A 113 -12.15 -32.49 30.71
CA THR A 113 -13.37 -33.26 30.43
C THR A 113 -13.05 -34.50 29.59
N ALA A 114 -12.19 -34.33 28.60
CA ALA A 114 -11.78 -35.45 27.76
C ALA A 114 -11.10 -36.55 28.57
N CYS A 115 -10.18 -36.17 29.47
CA CYS A 115 -9.53 -37.18 30.32
C CYS A 115 -10.54 -37.88 31.21
N LYS A 116 -11.48 -37.13 31.77
CA LYS A 116 -12.53 -37.75 32.57
C LYS A 116 -13.40 -38.72 31.74
N LEU A 117 -13.80 -38.32 30.52
CA LEU A 117 -14.55 -39.23 29.65
C LEU A 117 -13.76 -40.49 29.37
N ALA A 118 -12.47 -40.33 29.05
CA ALA A 118 -11.61 -41.45 28.72
C ALA A 118 -11.53 -42.42 29.85
N ARG A 119 -11.35 -41.92 31.07
CA ARG A 119 -11.26 -42.78 32.24
C ARG A 119 -12.58 -43.48 32.54
N LYS A 120 -13.69 -42.72 32.58
CA LYS A 120 -15.00 -43.34 32.80
C LYS A 120 -15.32 -44.39 31.73
N TRP A 121 -15.03 -44.08 30.48
CA TRP A 121 -15.24 -45.05 29.42
C TRP A 121 -14.31 -46.24 29.60
N GLY A 122 -13.05 -45.98 29.91
CA GLY A 122 -12.14 -47.08 30.18
C GLY A 122 -12.70 -48.04 31.20
N TYR A 123 -13.15 -47.51 32.36
CA TYR A 123 -13.62 -48.39 33.42
C TYR A 123 -14.94 -49.05 33.06
N THR A 124 -15.92 -48.29 32.52
CA THR A 124 -17.29 -48.76 32.46
C THR A 124 -17.64 -49.44 31.14
N VAL A 125 -16.86 -49.20 30.10
CA VAL A 125 -17.04 -49.83 28.81
C VAL A 125 -15.87 -50.76 28.48
N LYS A 126 -14.62 -50.28 28.56
CA LYS A 126 -13.53 -51.16 28.16
C LYS A 126 -13.33 -52.24 29.19
N GLY A 127 -13.62 -51.94 30.44
CA GLY A 127 -13.50 -52.91 31.49
C GLY A 127 -12.18 -52.87 32.21
N ILE A 128 -11.40 -51.80 32.06
CA ILE A 128 -10.20 -51.61 32.88
C ILE A 128 -10.59 -51.63 34.36
N GLN A 129 -9.75 -52.24 35.20
CA GLN A 129 -9.97 -52.23 36.64
C GLN A 129 -9.75 -50.86 37.25
N LYS A 130 -10.58 -50.52 38.24
CA LYS A 130 -10.67 -49.15 38.71
C LYS A 130 -9.34 -48.65 39.21
N TYR A 131 -8.92 -47.60 38.52
CA TYR A 131 -7.88 -46.60 38.69
C TYR A 131 -6.58 -47.13 38.13
N LYS A 132 -6.66 -48.18 37.31
CA LYS A 132 -5.52 -48.58 36.46
C LYS A 132 -5.52 -47.93 35.09
N ALA A 133 -6.55 -47.16 34.74
CA ALA A 133 -6.61 -46.59 33.40
C ALA A 133 -5.44 -45.64 33.13
N LYS A 134 -4.88 -45.74 31.92
CA LYS A 134 -3.80 -44.85 31.50
C LYS A 134 -4.25 -43.95 30.36
N ILE A 135 -3.66 -42.75 30.30
CA ILE A 135 -3.80 -41.92 29.12
C ILE A 135 -2.40 -41.62 28.59
N VAL A 136 -2.21 -41.75 27.29
CA VAL A 136 -0.91 -41.50 26.69
C VAL A 136 -0.97 -40.15 26.00
N PHE A 137 0.12 -39.37 26.12
CA PHE A 137 0.30 -38.05 25.53
C PHE A 137 1.61 -38.00 24.75
N ALA A 138 1.73 -37.05 23.86
CA ALA A 138 2.96 -36.87 23.08
C ALA A 138 3.84 -35.82 23.72
N ALA A 139 5.15 -36.07 23.75
CA ALA A 139 6.11 -35.07 24.22
C ALA A 139 5.94 -33.79 23.41
N GLY A 140 6.04 -32.65 24.12
CA GLY A 140 5.79 -31.32 23.57
C GLY A 140 4.34 -30.90 23.59
N ASN A 141 3.42 -31.74 24.08
CA ASN A 141 2.02 -31.38 24.12
C ASN A 141 1.80 -30.21 25.05
N PHE A 142 0.77 -29.43 24.75
CA PHE A 142 0.35 -28.33 25.59
C PHE A 142 -1.16 -28.36 25.58
N TRP A 143 -1.78 -28.41 26.76
CA TRP A 143 -3.22 -28.23 26.75
C TRP A 143 -3.68 -27.40 27.96
N GLY A 144 -2.78 -26.64 28.56
CA GLY A 144 -3.21 -25.73 29.60
C GLY A 144 -2.44 -25.99 30.85
N ARG A 145 -2.90 -25.44 31.97
CA ARG A 145 -2.00 -25.27 33.10
C ARG A 145 -2.55 -25.74 34.44
N THR A 146 -3.64 -26.52 34.43
CA THR A 146 -4.07 -27.17 35.67
C THR A 146 -3.01 -28.17 36.11
N LEU A 147 -3.16 -28.69 37.34
CA LEU A 147 -2.22 -29.71 37.84
C LEU A 147 -2.19 -30.94 36.94
N SER A 148 -3.34 -31.38 36.45
CA SER A 148 -3.37 -32.51 35.53
C SER A 148 -2.61 -32.22 34.24
N ALA A 149 -2.92 -31.08 33.60
CA ALA A 149 -2.31 -30.81 32.30
C ALA A 149 -0.80 -30.65 32.42
N ILE A 150 -0.31 -30.03 33.50
CA ILE A 150 1.15 -29.98 33.63
C ILE A 150 1.75 -31.33 34.02
N SER A 151 0.94 -32.25 34.59
CA SER A 151 1.41 -33.61 34.83
C SER A 151 1.65 -34.37 33.53
N SER A 152 1.01 -33.99 32.43
CA SER A 152 1.36 -34.62 31.15
C SER A 152 2.41 -33.86 30.34
N SER A 153 2.96 -32.78 30.85
CA SER A 153 3.82 -31.93 30.06
C SER A 153 5.24 -32.46 30.08
N THR A 154 5.97 -32.25 29.00
CA THR A 154 7.42 -32.46 29.06
C THR A 154 8.19 -31.14 29.17
N ASP A 155 7.50 -30.01 29.36
CA ASP A 155 8.18 -28.73 29.54
C ASP A 155 8.45 -28.48 31.03
N PRO A 156 9.71 -28.50 31.50
CA PRO A 156 9.95 -28.33 32.95
C PRO A 156 9.44 -27.04 33.51
N THR A 157 9.37 -25.96 32.73
CA THR A 157 8.86 -24.73 33.32
C THR A 157 7.39 -24.84 33.66
N SER A 158 6.66 -25.71 32.98
CA SER A 158 5.26 -25.84 33.32
C SER A 158 5.03 -26.69 34.58
N TYR A 159 5.84 -27.72 34.85
CA TYR A 159 5.57 -28.62 35.99
C TYR A 159 6.57 -28.51 37.13
N ASP A 160 7.78 -28.05 36.89
CA ASP A 160 8.77 -28.02 37.99
C ASP A 160 8.28 -27.18 39.17
N GLY A 161 8.40 -27.74 40.37
CA GLY A 161 7.93 -27.06 41.55
C GLY A 161 6.44 -27.04 41.76
N PHE A 162 5.66 -27.79 40.98
CA PHE A 162 4.22 -27.81 41.18
C PHE A 162 3.68 -29.20 41.53
N GLY A 163 4.53 -30.19 41.73
CA GLY A 163 4.06 -31.52 42.07
C GLY A 163 3.59 -31.63 43.53
N PRO A 164 3.17 -32.84 43.93
CA PRO A 164 3.19 -34.12 43.17
C PRO A 164 2.18 -34.20 42.02
N PHE A 165 2.38 -35.15 41.10
CA PHE A 165 1.69 -35.09 39.82
C PHE A 165 0.59 -36.13 39.69
N MET A 166 -0.30 -35.89 38.75
CA MET A 166 -1.39 -36.80 38.47
C MET A 166 -0.81 -38.12 37.97
N PRO A 167 -1.12 -39.25 38.59
CA PRO A 167 -0.68 -40.54 38.05
C PRO A 167 -1.55 -40.95 36.85
N GLY A 168 -1.04 -41.91 36.10
CA GLY A 168 -1.82 -42.49 35.02
C GLY A 168 -1.61 -41.83 33.69
N PHE A 169 -0.64 -40.94 33.58
CA PHE A 169 -0.34 -40.22 32.36
C PHE A 169 0.99 -40.73 31.85
N ASP A 170 1.01 -41.25 30.62
CA ASP A 170 2.26 -41.71 30.02
C ASP A 170 2.59 -40.90 28.80
N ILE A 171 3.88 -40.74 28.53
CA ILE A 171 4.34 -39.83 27.50
C ILE A 171 5.24 -40.56 26.52
N ILE A 172 4.99 -40.37 25.23
CA ILE A 172 5.78 -40.96 24.15
C ILE A 172 6.23 -39.83 23.23
N PRO A 173 7.19 -40.07 22.33
CA PRO A 173 7.53 -39.05 21.33
C PRO A 173 6.37 -38.73 20.41
N TYR A 174 6.33 -37.47 19.98
CA TYR A 174 5.41 -37.05 18.94
C TYR A 174 5.83 -37.65 17.61
N ASN A 175 4.87 -37.78 16.68
CA ASN A 175 5.23 -38.07 15.29
C ASN A 175 5.97 -39.39 15.17
N ASP A 176 5.52 -40.38 15.94
CA ASP A 176 6.29 -41.62 16.10
C ASP A 176 5.28 -42.75 16.25
N LEU A 177 4.93 -43.42 15.12
CA LEU A 177 3.95 -44.50 15.14
C LEU A 177 4.48 -45.78 15.82
N PRO A 178 5.72 -46.22 15.59
CA PRO A 178 6.21 -47.35 16.41
C PRO A 178 6.13 -47.09 17.91
N ALA A 179 6.42 -45.87 18.37
CA ALA A 179 6.29 -45.62 19.82
C ALA A 179 4.85 -45.72 20.29
N LEU A 180 3.91 -45.19 19.51
CA LEU A 180 2.51 -45.36 19.89
C LEU A 180 2.12 -46.83 19.90
N GLU A 181 2.50 -47.58 18.85
CA GLU A 181 2.19 -49.01 18.80
C GLU A 181 2.73 -49.73 20.02
N ARG A 182 3.98 -49.44 20.38
CA ARG A 182 4.56 -50.06 21.57
C ARG A 182 3.75 -49.69 22.81
N ALA A 183 3.40 -48.41 22.98
CA ALA A 183 2.67 -47.98 24.18
C ALA A 183 1.31 -48.66 24.28
N LEU A 184 0.66 -48.86 23.15
CA LEU A 184 -0.70 -49.42 23.19
C LEU A 184 -0.73 -50.93 23.40
N GLN A 185 0.40 -51.61 23.54
CA GLN A 185 0.32 -52.99 23.98
C GLN A 185 -0.20 -53.14 25.41
N ASP A 186 -0.20 -52.08 26.20
CA ASP A 186 -0.75 -52.12 27.56
C ASP A 186 -2.27 -52.02 27.51
N PRO A 187 -2.98 -53.08 27.91
CA PRO A 187 -4.45 -53.06 27.83
C PRO A 187 -5.11 -52.06 28.78
N ASN A 188 -4.38 -51.52 29.76
CA ASN A 188 -4.96 -50.51 30.65
C ASN A 188 -4.90 -49.10 30.06
N VAL A 189 -4.44 -48.92 28.83
CA VAL A 189 -4.48 -47.60 28.22
C VAL A 189 -5.91 -47.33 27.74
N ALA A 190 -6.47 -46.22 28.14
CA ALA A 190 -7.82 -45.90 27.73
C ALA A 190 -7.87 -44.96 26.54
N ALA A 191 -6.87 -44.09 26.39
CA ALA A 191 -6.91 -43.02 25.39
C ALA A 191 -5.50 -42.56 25.07
N PHE A 192 -5.36 -42.01 23.88
CA PHE A 192 -4.18 -41.25 23.44
C PHE A 192 -4.70 -39.87 23.05
N MET A 193 -4.15 -38.83 23.65
CA MET A 193 -4.51 -37.44 23.33
C MET A 193 -3.36 -36.81 22.55
N VAL A 194 -3.68 -36.14 21.44
CA VAL A 194 -2.62 -35.61 20.60
C VAL A 194 -3.11 -34.39 19.81
N GLU A 195 -2.21 -33.46 19.60
CA GLU A 195 -2.47 -32.32 18.71
C GLU A 195 -2.10 -32.70 17.28
N PRO A 196 -2.95 -32.44 16.29
CA PRO A 196 -2.56 -32.78 14.91
C PRO A 196 -1.36 -32.00 14.43
N ILE A 197 -1.19 -30.77 14.92
CA ILE A 197 0.04 -30.00 14.85
C ILE A 197 0.25 -29.39 16.23
N GLN A 198 1.47 -29.49 16.76
CA GLN A 198 1.70 -29.00 18.10
C GLN A 198 1.99 -27.49 18.02
N GLY A 199 1.07 -26.68 18.53
CA GLY A 199 1.20 -25.24 18.45
C GLY A 199 2.25 -24.68 19.39
N GLU A 200 2.07 -24.83 20.70
CA GLU A 200 2.98 -24.16 21.62
C GLU A 200 4.36 -24.80 21.61
N ALA A 201 4.49 -26.03 21.10
CA ALA A 201 5.82 -26.60 20.94
C ALA A 201 6.61 -25.93 19.82
N GLY A 202 5.96 -25.11 19.00
CA GLY A 202 6.68 -24.44 17.93
C GLY A 202 6.18 -24.85 16.57
N VAL A 203 4.86 -25.06 16.45
CA VAL A 203 4.24 -25.46 15.18
C VAL A 203 4.96 -26.67 14.62
N VAL A 204 4.94 -27.77 15.38
CA VAL A 204 5.60 -29.00 14.99
C VAL A 204 4.60 -29.81 14.17
N VAL A 205 4.85 -29.91 12.87
CA VAL A 205 3.97 -30.62 11.95
C VAL A 205 4.46 -32.06 11.85
N PRO A 206 3.63 -33.05 12.15
CA PRO A 206 4.05 -34.44 12.02
C PRO A 206 4.08 -34.85 10.54
N ASP A 207 4.66 -36.01 10.31
CA ASP A 207 4.87 -36.45 8.94
C ASP A 207 3.55 -36.89 8.29
N PRO A 208 3.43 -36.76 6.97
CA PRO A 208 2.24 -37.31 6.27
C PRO A 208 1.97 -38.74 6.70
N GLY A 209 0.72 -39.04 7.01
CA GLY A 209 0.37 -40.39 7.40
C GLY A 209 0.35 -40.65 8.90
N TYR A 210 0.90 -39.74 9.72
CA TYR A 210 0.94 -39.95 11.17
C TYR A 210 -0.46 -40.06 11.77
N LEU A 211 -1.34 -39.14 11.40
CA LEU A 211 -2.69 -39.17 11.95
C LEU A 211 -3.48 -40.40 11.50
N MET A 212 -3.29 -40.84 10.26
CA MET A 212 -3.88 -42.10 9.81
C MET A 212 -3.40 -43.29 10.64
N GLY A 213 -2.09 -43.34 10.92
CA GLY A 213 -1.55 -44.41 11.74
C GLY A 213 -2.05 -44.32 13.17
N VAL A 214 -2.21 -43.09 13.69
CA VAL A 214 -2.76 -42.95 15.03
C VAL A 214 -4.17 -43.51 15.07
N ARG A 215 -5.01 -43.15 14.08
CA ARG A 215 -6.38 -43.69 14.01
C ARG A 215 -6.38 -45.21 13.98
N GLU A 216 -5.58 -45.80 13.08
CA GLU A 216 -5.61 -47.25 12.95
C GLU A 216 -5.16 -47.92 14.23
N LEU A 217 -4.07 -47.45 14.83
CA LEU A 217 -3.55 -48.08 16.03
C LEU A 217 -4.54 -47.95 17.18
N CYS A 218 -5.17 -46.79 17.32
CA CYS A 218 -6.14 -46.64 18.41
C CYS A 218 -7.32 -47.57 18.21
N THR A 219 -7.80 -47.71 16.96
CA THR A 219 -8.90 -48.64 16.71
C THR A 219 -8.45 -50.06 16.98
N ARG A 220 -7.26 -50.44 16.51
CA ARG A 220 -6.79 -51.81 16.65
C ARG A 220 -6.74 -52.23 18.10
N HIS A 221 -6.40 -51.30 18.99
CA HIS A 221 -6.16 -51.64 20.39
C HIS A 221 -7.24 -51.16 21.32
N GLN A 222 -8.40 -50.76 20.79
CA GLN A 222 -9.51 -50.33 21.61
C GLN A 222 -9.08 -49.18 22.55
N VAL A 223 -8.51 -48.15 21.94
CA VAL A 223 -8.08 -46.95 22.64
C VAL A 223 -8.74 -45.73 22.00
N LEU A 224 -9.22 -44.79 22.82
CA LEU A 224 -9.83 -43.59 22.29
C LEU A 224 -8.76 -42.66 21.76
N PHE A 225 -8.98 -42.15 20.56
CA PHE A 225 -8.13 -41.16 19.91
C PHE A 225 -8.74 -39.80 20.19
N ILE A 226 -8.10 -39.03 21.06
CA ILE A 226 -8.58 -37.69 21.40
C ILE A 226 -7.74 -36.71 20.59
N ALA A 227 -8.37 -35.95 19.70
CA ALA A 227 -7.66 -34.95 18.91
C ALA A 227 -7.92 -33.58 19.51
N ASP A 228 -6.83 -32.92 19.91
CA ASP A 228 -6.89 -31.59 20.54
C ASP A 228 -6.74 -30.56 19.44
N GLU A 229 -7.84 -30.01 18.99
CA GLU A 229 -7.86 -29.02 17.92
C GLU A 229 -8.24 -27.65 18.47
N ILE A 230 -7.92 -27.41 19.73
CA ILE A 230 -8.26 -26.14 20.37
C ILE A 230 -7.53 -25.01 19.69
N GLN A 231 -6.28 -25.25 19.26
CA GLN A 231 -5.54 -24.26 18.48
C GLN A 231 -5.57 -24.49 16.96
N THR A 232 -5.55 -25.75 16.51
CA THR A 232 -5.45 -26.07 15.08
C THR A 232 -6.80 -26.08 14.35
N GLY A 233 -7.91 -26.23 15.07
CA GLY A 233 -9.19 -26.38 14.42
C GLY A 233 -9.73 -25.06 13.89
N LEU A 234 -10.92 -25.14 13.30
CA LEU A 234 -11.71 -23.98 12.94
C LEU A 234 -10.98 -23.12 11.91
N ALA A 235 -10.50 -23.77 10.84
CA ALA A 235 -9.98 -23.19 9.58
C ALA A 235 -8.55 -22.64 9.69
N ARG A 236 -7.93 -22.63 10.87
CA ARG A 236 -6.60 -22.04 11.00
C ARG A 236 -5.58 -22.74 10.09
N THR A 237 -5.63 -24.07 9.97
CA THR A 237 -4.66 -24.77 9.16
C THR A 237 -5.11 -24.99 7.72
N GLY A 238 -6.24 -24.42 7.30
CA GLY A 238 -6.76 -24.57 5.96
C GLY A 238 -7.81 -25.65 5.81
N ARG A 239 -8.23 -26.31 6.89
CA ARG A 239 -9.37 -27.20 6.85
C ARG A 239 -10.18 -26.98 8.12
N TRP A 240 -11.43 -27.44 8.11
CA TRP A 240 -12.26 -27.28 9.31
C TRP A 240 -11.58 -27.86 10.54
N LEU A 241 -10.94 -29.02 10.39
CA LEU A 241 -10.12 -29.61 11.42
C LEU A 241 -8.80 -29.98 10.76
N ALA A 242 -7.70 -29.83 11.51
CA ALA A 242 -6.40 -30.20 10.96
C ALA A 242 -6.39 -31.68 10.62
N VAL A 243 -7.16 -32.50 11.34
CA VAL A 243 -7.21 -33.92 11.00
C VAL A 243 -7.85 -34.14 9.64
N ASP A 244 -8.58 -33.16 9.08
CA ASP A 244 -9.22 -33.44 7.80
C ASP A 244 -8.18 -33.62 6.70
N TYR A 245 -6.96 -33.10 6.89
CA TYR A 245 -5.93 -33.32 5.88
C TYR A 245 -5.66 -34.81 5.67
N GLU A 246 -5.85 -35.64 6.70
CA GLU A 246 -5.66 -37.08 6.57
C GLU A 246 -6.98 -37.86 6.60
N ASN A 247 -8.12 -37.18 6.52
CA ASN A 247 -9.42 -37.86 6.53
C ASN A 247 -9.52 -38.84 7.69
N VAL A 248 -9.20 -38.40 8.88
CA VAL A 248 -9.38 -39.30 9.99
C VAL A 248 -10.42 -38.73 10.94
N ARG A 249 -11.13 -39.63 11.58
CA ARG A 249 -12.17 -39.25 12.52
C ARG A 249 -11.75 -39.62 13.94
N PRO A 250 -11.35 -38.66 14.75
CA PRO A 250 -11.02 -38.95 16.14
C PRO A 250 -12.25 -39.38 16.92
N ASP A 251 -12.01 -40.03 18.06
CA ASP A 251 -13.11 -40.42 18.92
C ASP A 251 -13.62 -39.24 19.73
N ILE A 252 -12.70 -38.35 20.15
CA ILE A 252 -13.06 -37.12 20.84
C ILE A 252 -12.33 -35.97 20.16
N VAL A 253 -13.05 -34.91 19.86
CA VAL A 253 -12.46 -33.70 19.30
C VAL A 253 -12.69 -32.57 20.28
N LEU A 254 -11.63 -31.85 20.60
CA LEU A 254 -11.68 -30.68 21.48
C LEU A 254 -11.56 -29.42 20.62
N LEU A 255 -12.42 -28.44 20.92
CA LEU A 255 -12.45 -27.14 20.27
C LEU A 255 -12.42 -26.06 21.32
N GLY A 256 -11.89 -24.91 20.94
CA GLY A 256 -11.82 -23.80 21.85
C GLY A 256 -11.44 -22.55 21.07
N LYS A 257 -10.82 -21.60 21.76
CA LYS A 257 -10.22 -20.40 21.20
C LYS A 257 -11.07 -19.72 20.15
N ALA A 258 -10.83 -19.98 18.86
CA ALA A 258 -11.65 -19.39 17.79
C ALA A 258 -13.13 -19.72 17.83
N LEU A 259 -13.52 -20.69 18.64
CA LEU A 259 -14.93 -21.07 18.75
C LEU A 259 -15.82 -19.88 19.15
N SER A 260 -15.23 -18.80 19.65
CA SER A 260 -15.95 -17.59 20.04
C SER A 260 -15.47 -16.36 19.31
N GLY A 261 -14.54 -16.49 18.39
CA GLY A 261 -14.02 -15.31 17.78
C GLY A 261 -13.26 -14.42 18.74
N GLY A 262 -12.89 -14.94 19.92
CA GLY A 262 -12.21 -14.18 20.95
C GLY A 262 -13.10 -13.31 21.79
N LEU A 263 -14.43 -13.46 21.67
CA LEU A 263 -15.36 -12.60 22.42
C LEU A 263 -15.79 -13.18 23.76
N TYR A 264 -15.50 -14.44 24.04
CA TYR A 264 -16.07 -15.15 25.19
C TYR A 264 -15.30 -16.46 25.33
N PRO A 265 -14.97 -16.91 26.55
CA PRO A 265 -14.32 -18.20 26.69
C PRO A 265 -15.31 -19.32 26.45
N VAL A 266 -15.27 -19.98 25.28
CA VAL A 266 -16.15 -21.11 24.97
C VAL A 266 -15.28 -22.25 24.49
N SER A 267 -15.50 -23.45 25.01
CA SER A 267 -14.78 -24.63 24.54
C SER A 267 -15.77 -25.77 24.39
N ALA A 268 -15.36 -26.83 23.67
CA ALA A 268 -16.30 -27.88 23.32
C ALA A 268 -15.62 -29.23 23.32
N VAL A 269 -16.33 -30.23 23.82
CA VAL A 269 -15.95 -31.64 23.73
C VAL A 269 -16.97 -32.38 22.88
N LEU A 270 -16.55 -32.88 21.69
CA LEU A 270 -17.44 -33.56 20.75
C LEU A 270 -17.14 -35.05 20.74
N CYS A 271 -18.18 -35.88 20.85
CA CYS A 271 -17.96 -37.31 20.68
C CYS A 271 -19.32 -37.97 20.56
N ASP A 272 -19.31 -39.25 20.27
CA ASP A 272 -20.53 -40.00 20.04
C ASP A 272 -21.08 -40.51 21.39
N ASP A 273 -22.34 -40.95 21.35
CA ASP A 273 -23.08 -41.39 22.54
C ASP A 273 -22.32 -42.45 23.35
N ASP A 274 -21.64 -43.38 22.64
CA ASP A 274 -21.02 -44.50 23.33
C ASP A 274 -19.89 -44.04 24.26
N ILE A 275 -19.30 -42.88 24.02
CA ILE A 275 -18.37 -42.25 24.94
C ILE A 275 -19.05 -41.21 25.82
N MET A 276 -19.83 -40.31 25.23
CA MET A 276 -20.35 -39.18 25.98
C MET A 276 -21.18 -39.62 27.18
N LEU A 277 -22.01 -40.63 26.97
CA LEU A 277 -22.98 -40.97 27.98
C LEU A 277 -22.40 -41.88 29.05
N THR A 278 -21.10 -42.09 29.09
CA THR A 278 -20.52 -42.72 30.27
C THR A 278 -20.55 -41.75 31.46
N ILE A 279 -20.72 -40.45 31.22
CA ILE A 279 -20.92 -39.49 32.30
C ILE A 279 -22.41 -39.26 32.44
N LYS A 280 -22.91 -39.47 33.61
CA LYS A 280 -24.31 -39.40 34.04
C LYS A 280 -24.60 -38.06 34.71
N PRO A 281 -25.88 -37.72 34.82
CA PRO A 281 -26.26 -36.44 35.46
C PRO A 281 -25.64 -36.29 36.84
N GLY A 282 -25.09 -35.11 37.09
CA GLY A 282 -24.49 -34.82 38.36
C GLY A 282 -23.02 -35.12 38.42
N GLU A 283 -22.43 -35.69 37.37
CA GLU A 283 -21.08 -36.22 37.47
C GLU A 283 -20.02 -35.35 36.82
N HIS A 284 -20.40 -34.22 36.20
CA HIS A 284 -19.42 -33.32 35.59
C HIS A 284 -20.10 -32.03 35.18
N GLY A 285 -19.33 -30.95 35.20
CA GLY A 285 -19.88 -29.72 34.64
C GLY A 285 -19.08 -28.49 35.08
N SER A 286 -19.78 -27.36 35.04
CA SER A 286 -19.13 -26.07 35.15
C SER A 286 -20.18 -24.99 35.32
N TYR A 288 -20.41 -21.75 34.20
CA TYR A 288 -20.62 -21.00 32.94
C TYR A 288 -20.74 -21.84 31.66
N GLY A 289 -20.40 -23.11 31.77
CA GLY A 289 -20.47 -23.97 30.61
C GLY A 289 -21.85 -24.00 29.97
N GLY A 290 -21.93 -23.71 28.66
CA GLY A 290 -23.22 -23.77 28.01
C GLY A 290 -24.13 -22.59 28.26
N ASN A 291 -23.63 -21.49 28.73
CA ASN A 291 -24.51 -20.34 29.00
C ASN A 291 -24.99 -19.73 27.69
N PRO A 292 -26.15 -19.06 27.70
CA PRO A 292 -26.74 -18.62 26.44
C PRO A 292 -25.94 -17.52 25.74
N LEU A 293 -25.18 -16.72 26.48
CA LEU A 293 -24.40 -15.67 25.82
C LEU A 293 -23.27 -16.27 25.00
N GLY A 294 -22.50 -17.15 25.63
CA GLY A 294 -21.43 -17.83 24.92
C GLY A 294 -21.91 -18.67 23.75
N CYS A 295 -23.08 -19.30 23.89
CA CYS A 295 -23.63 -20.08 22.79
C CYS A 295 -24.03 -19.18 21.61
N ARG A 296 -24.63 -18.00 21.88
CA ARG A 296 -24.93 -17.10 20.75
C ARG A 296 -23.66 -16.67 20.05
N VAL A 297 -22.64 -16.31 20.84
CA VAL A 297 -21.35 -15.91 20.29
C VAL A 297 -20.76 -17.01 19.42
N ALA A 298 -20.76 -18.24 19.92
CA ALA A 298 -20.12 -19.35 19.20
C ALA A 298 -20.89 -19.72 17.94
N ILE A 299 -22.23 -19.64 17.96
CA ILE A 299 -22.95 -19.87 16.71
C ILE A 299 -22.49 -18.87 15.67
N ALA A 300 -22.48 -17.58 16.02
CA ALA A 300 -22.03 -16.57 15.08
C ALA A 300 -20.60 -16.83 14.60
N ALA A 301 -19.70 -17.18 15.54
CA ALA A 301 -18.30 -17.38 15.19
C ALA A 301 -18.12 -18.53 14.20
N LEU A 302 -18.89 -19.60 14.38
CA LEU A 302 -18.82 -20.70 13.43
C LEU A 302 -19.39 -20.30 12.08
N GLU A 303 -20.49 -19.53 12.10
CA GLU A 303 -21.09 -19.11 10.82
C GLU A 303 -20.16 -18.20 10.02
N VAL A 304 -19.42 -17.33 10.69
CA VAL A 304 -18.40 -16.52 10.04
C VAL A 304 -17.38 -17.43 9.35
N LEU A 305 -16.89 -18.44 10.06
CA LEU A 305 -15.92 -19.33 9.42
C LEU A 305 -16.47 -19.96 8.17
N GLU A 306 -17.72 -20.43 8.20
CA GLU A 306 -18.19 -21.08 6.98
C GLU A 306 -18.51 -20.06 5.89
N GLU A 307 -19.14 -18.94 6.27
CA GLU A 307 -19.69 -18.02 5.28
C GLU A 307 -18.63 -17.19 4.58
N GLU A 308 -17.49 -16.96 5.21
CA GLU A 308 -16.41 -16.23 4.57
C GLU A 308 -15.34 -17.17 3.99
N ASN A 309 -15.60 -18.48 3.97
CA ASN A 309 -14.70 -19.46 3.36
C ASN A 309 -13.27 -19.27 3.84
N LEU A 310 -13.10 -19.21 5.17
CA LEU A 310 -11.80 -18.86 5.74
C LEU A 310 -10.81 -20.03 5.68
N ALA A 311 -11.28 -21.27 5.70
CA ALA A 311 -10.34 -22.39 5.55
C ALA A 311 -9.67 -22.37 4.18
N GLU A 312 -10.42 -22.10 3.12
CA GLU A 312 -9.80 -22.07 1.80
C GLU A 312 -8.85 -20.88 1.68
N ASN A 313 -9.22 -19.73 2.25
CA ASN A 313 -8.31 -18.58 2.27
C ASN A 313 -7.03 -18.89 3.03
N ALA A 314 -7.15 -19.54 4.19
CA ALA A 314 -5.97 -19.90 4.98
C ALA A 314 -5.06 -20.84 4.21
N ASP A 315 -5.63 -21.82 3.50
CA ASP A 315 -4.83 -22.74 2.66
C ASP A 315 -4.04 -21.98 1.58
N LYS A 316 -4.74 -21.17 0.79
CA LYS A 316 -4.09 -20.43 -0.28
C LYS A 316 -2.99 -19.50 0.26
N LEU A 317 -3.35 -18.67 1.24
CA LEU A 317 -2.38 -17.70 1.72
C LEU A 317 -1.25 -18.35 2.52
N GLY A 318 -1.51 -19.46 3.20
CA GLY A 318 -0.44 -20.14 3.89
C GLY A 318 0.59 -20.69 2.94
N ILE A 319 0.15 -21.17 1.75
CA ILE A 319 1.11 -21.57 0.72
C ILE A 319 1.99 -20.38 0.36
N ILE A 320 1.38 -19.22 0.11
CA ILE A 320 2.20 -18.05 -0.24
C ILE A 320 3.16 -17.69 0.90
N LEU A 321 2.68 -17.73 2.13
CA LEU A 321 3.49 -17.31 3.28
C LEU A 321 4.72 -18.19 3.43
N ARG A 322 4.53 -19.51 3.39
CA ARG A 322 5.67 -20.42 3.52
C ARG A 322 6.63 -20.32 2.34
N ASN A 323 6.10 -20.20 1.12
CA ASN A 323 6.99 -20.01 -0.03
C ASN A 323 7.86 -18.77 0.15
N GLU A 324 7.25 -17.66 0.55
CA GLU A 324 8.02 -16.43 0.67
C GLU A 324 9.04 -16.53 1.80
N LEU A 325 8.65 -17.09 2.96
CA LEU A 325 9.58 -17.23 4.07
C LEU A 325 10.75 -18.14 3.74
N MET A 326 10.53 -19.17 2.92
CA MET A 326 11.64 -20.01 2.52
C MET A 326 12.68 -19.27 1.69
N LYS A 327 12.33 -18.12 1.12
CA LYS A 327 13.35 -17.33 0.41
C LYS A 327 14.34 -16.65 1.36
N LEU A 328 14.11 -16.66 2.67
CA LEU A 328 15.05 -16.07 3.60
C LEU A 328 16.31 -16.93 3.70
N PRO A 329 17.46 -16.34 4.04
CA PRO A 329 18.69 -17.12 4.00
C PRO A 329 18.72 -18.20 5.08
N SER A 330 19.18 -19.39 4.67
CA SER A 330 19.36 -20.48 5.63
C SER A 330 20.42 -20.14 6.67
N ASP A 331 21.26 -19.14 6.41
CA ASP A 331 22.21 -18.70 7.42
C ASP A 331 21.50 -18.23 8.69
N VAL A 332 20.31 -17.63 8.56
CA VAL A 332 19.66 -17.01 9.70
C VAL A 332 18.32 -17.66 10.04
N VAL A 333 17.62 -18.19 9.03
CA VAL A 333 16.35 -18.89 9.24
C VAL A 333 16.59 -20.33 8.83
N THR A 334 16.58 -21.25 9.80
CA THR A 334 16.99 -22.63 9.58
C THR A 334 15.82 -23.54 9.23
N ALA A 335 14.59 -23.12 9.49
CA ALA A 335 13.44 -23.93 9.12
C ALA A 335 12.22 -23.04 9.00
N VAL A 336 11.32 -23.46 8.12
CA VAL A 336 10.00 -22.87 7.92
C VAL A 336 9.00 -24.03 7.91
N ARG A 337 7.96 -23.93 8.72
CA ARG A 337 7.05 -25.07 8.80
C ARG A 337 5.65 -24.55 9.11
N GLY A 338 4.64 -25.37 8.83
CA GLY A 338 3.28 -24.97 9.11
C GLY A 338 2.31 -25.55 8.11
N LYS A 339 1.02 -25.36 8.40
CA LYS A 339 -0.09 -25.68 7.50
C LYS A 339 -1.07 -24.52 7.57
N GLY A 340 -1.62 -24.14 6.42
CA GLY A 340 -2.53 -23.02 6.39
C GLY A 340 -1.84 -21.78 6.92
N LEU A 341 -2.53 -21.06 7.81
CA LEU A 341 -1.96 -19.86 8.42
C LEU A 341 -1.46 -20.10 9.84
N LEU A 342 -1.12 -21.34 10.17
CA LEU A 342 -0.38 -21.67 11.39
C LEU A 342 1.04 -22.01 10.96
N ASN A 343 1.97 -21.08 11.15
CA ASN A 343 3.33 -21.28 10.67
C ASN A 343 4.34 -20.81 11.73
N ALA A 344 5.56 -21.28 11.59
CA ALA A 344 6.65 -20.82 12.44
C ALA A 344 7.95 -20.83 11.66
N ILE A 345 8.88 -19.97 12.06
CA ILE A 345 10.25 -20.06 11.57
C ILE A 345 11.17 -20.35 12.74
N VAL A 346 12.28 -21.01 12.45
CA VAL A 346 13.35 -21.19 13.42
C VAL A 346 14.53 -20.37 12.96
N ILE A 347 15.10 -19.61 13.88
CA ILE A 347 16.22 -18.73 13.56
C ILE A 347 17.49 -19.34 14.15
N LYS A 348 18.61 -19.13 13.46
CA LYS A 348 19.89 -19.58 14.00
C LYS A 348 20.28 -18.63 15.12
N GLU A 349 19.90 -18.96 16.36
CA GLU A 349 20.16 -18.09 17.50
C GLU A 349 21.66 -18.04 17.80
N THR A 350 22.22 -16.84 17.77
CA THR A 350 23.58 -16.62 18.23
C THR A 350 23.49 -16.18 19.69
N LYS A 351 24.57 -15.64 20.23
CA LYS A 351 24.42 -14.90 21.48
C LYS A 351 24.11 -13.44 21.22
N ASP A 352 24.41 -12.94 20.02
CA ASP A 352 24.08 -11.56 19.69
C ASP A 352 22.58 -11.39 19.48
N TRP A 353 21.94 -12.33 18.77
CA TRP A 353 20.54 -12.17 18.41
C TRP A 353 19.77 -13.42 18.81
N ASP A 354 18.47 -13.24 19.02
CA ASP A 354 17.59 -14.34 19.39
C ASP A 354 16.18 -13.96 18.96
N ALA A 355 15.26 -14.90 19.15
CA ALA A 355 13.90 -14.66 18.69
C ALA A 355 13.25 -13.47 19.40
N TRP A 356 13.60 -13.24 20.67
CA TRP A 356 13.06 -12.08 21.38
C TRP A 356 13.46 -10.77 20.69
N LYS A 357 14.74 -10.63 20.37
CA LYS A 357 15.16 -9.41 19.70
C LYS A 357 14.50 -9.27 18.34
N VAL A 358 14.31 -10.40 17.63
CA VAL A 358 13.62 -10.33 16.35
C VAL A 358 12.21 -9.80 16.54
N CYS A 359 11.52 -10.28 17.57
CA CYS A 359 10.14 -9.85 17.76
C CYS A 359 10.06 -8.40 18.25
N LEU A 360 11.07 -7.94 18.99
CA LEU A 360 11.11 -6.52 19.35
C LEU A 360 11.23 -5.67 18.11
N ARG A 361 12.07 -6.10 17.16
CA ARG A 361 12.27 -5.30 15.95
C ARG A 361 11.06 -5.39 15.02
N LEU A 362 10.45 -6.57 14.90
CA LEU A 362 9.20 -6.69 14.15
C LEU A 362 8.17 -5.74 14.72
N ARG A 363 8.05 -5.72 16.05
CA ARG A 363 7.19 -4.74 16.70
C ARG A 363 7.54 -3.32 16.27
N ASP A 364 8.83 -2.98 16.28
CA ASP A 364 9.22 -1.63 15.84
C ASP A 364 8.72 -1.35 14.43
N ASN A 365 8.71 -2.38 13.57
CA ASN A 365 8.37 -2.21 12.16
C ASN A 365 6.91 -2.50 11.85
N GLY A 366 6.06 -2.61 12.87
CA GLY A 366 4.63 -2.66 12.68
C GLY A 366 4.03 -4.06 12.58
N LEU A 367 4.66 -5.07 13.18
CA LEU A 367 4.12 -6.42 13.12
C LEU A 367 4.35 -7.12 14.45
N LEU A 368 3.31 -7.78 14.98
CA LEU A 368 3.35 -8.37 16.32
C LEU A 368 3.42 -9.88 16.25
N ALA A 369 4.48 -10.44 16.80
CA ALA A 369 4.64 -11.88 16.85
C ALA A 369 5.30 -12.27 18.16
N LYS A 370 5.09 -13.51 18.58
CA LYS A 370 5.73 -13.79 19.85
C LYS A 370 6.68 -14.96 19.72
N PRO A 371 7.82 -14.94 20.39
CA PRO A 371 8.72 -16.11 20.36
C PRO A 371 8.28 -17.21 21.32
N THR A 372 8.60 -18.45 20.95
CA THR A 372 8.07 -19.58 21.69
C THR A 372 9.12 -20.41 22.43
N HIS A 373 10.39 -20.39 22.01
CA HIS A 373 11.39 -21.12 22.80
C HIS A 373 12.78 -20.51 22.74
N GLY A 374 12.92 -19.23 22.43
CA GLY A 374 14.22 -18.62 22.25
C GLY A 374 14.74 -18.65 20.83
N ASP A 375 14.19 -19.53 19.99
CA ASP A 375 14.57 -19.55 18.59
C ASP A 375 13.40 -19.81 17.64
N ILE A 376 12.17 -19.88 18.13
CA ILE A 376 11.00 -20.13 17.29
C ILE A 376 10.13 -18.87 17.30
N ILE A 377 9.72 -18.41 16.12
CA ILE A 377 8.75 -17.33 16.01
C ILE A 377 7.56 -17.83 15.21
N ARG A 378 6.37 -17.70 15.78
CA ARG A 378 5.15 -18.06 15.10
C ARG A 378 4.65 -16.92 14.21
N PHE A 379 4.19 -17.26 13.00
CA PHE A 379 3.56 -16.33 12.09
C PHE A 379 2.15 -16.83 11.79
N ALA A 380 1.15 -16.17 12.38
CA ALA A 380 -0.23 -16.66 12.39
C ALA A 380 -1.20 -15.49 12.43
N PRO A 381 -1.42 -14.83 11.29
CA PRO A 381 -2.39 -13.70 11.25
C PRO A 381 -3.82 -14.21 11.14
N PRO A 382 -4.80 -13.37 11.44
CA PRO A 382 -6.20 -13.81 11.31
C PRO A 382 -6.50 -14.26 9.89
N LEU A 383 -7.41 -15.22 9.76
CA LEU A 383 -7.71 -15.83 8.47
C LEU A 383 -8.44 -14.90 7.51
N VAL A 384 -8.97 -13.79 7.97
CA VAL A 384 -9.60 -12.80 7.11
C VAL A 384 -8.58 -11.94 6.37
N ILE A 385 -7.28 -12.22 6.53
CA ILE A 385 -6.26 -11.39 5.87
C ILE A 385 -6.36 -11.55 4.35
N LYS A 386 -6.09 -10.48 3.61
CA LYS A 386 -6.09 -10.53 2.14
C LYS A 386 -4.67 -10.69 1.62
N GLU A 387 -4.56 -11.07 0.34
CA GLU A 387 -3.25 -11.41 -0.21
C GLU A 387 -2.30 -10.22 -0.19
N ASP A 388 -2.81 -9.02 -0.52
CA ASP A 388 -1.92 -7.85 -0.52
C ASP A 388 -1.50 -7.49 0.90
N GLU A 389 -2.40 -7.63 1.88
CA GLU A 389 -1.99 -7.42 3.28
C GLU A 389 -0.92 -8.42 3.70
N LEU A 390 -1.13 -9.69 3.36
CA LEU A 390 -0.14 -10.71 3.63
C LEU A 390 1.22 -10.37 2.99
N ARG A 391 1.24 -9.91 1.74
CA ARG A 391 2.53 -9.62 1.13
C ARG A 391 3.21 -8.41 1.77
N GLU A 392 2.43 -7.39 2.14
CA GLU A 392 3.01 -6.27 2.90
C GLU A 392 3.63 -6.76 4.21
N SER A 393 2.95 -7.69 4.90
CA SER A 393 3.46 -8.21 6.16
C SER A 393 4.74 -9.00 5.98
N ILE A 394 4.78 -9.79 4.89
CA ILE A 394 5.97 -10.56 4.59
C ILE A 394 7.15 -9.62 4.37
N GLU A 395 6.92 -8.52 3.66
CA GLU A 395 8.04 -7.60 3.45
C GLU A 395 8.51 -6.98 4.76
N ILE A 396 7.60 -6.76 5.73
CA ILE A 396 8.04 -6.34 7.06
C ILE A 396 8.95 -7.39 7.67
N ILE A 397 8.53 -8.65 7.59
CA ILE A 397 9.35 -9.75 8.12
C ILE A 397 10.74 -9.76 7.48
N ASN A 398 10.78 -9.62 6.16
CA ASN A 398 12.05 -9.65 5.43
C ASN A 398 12.94 -8.48 5.82
N LYS A 399 12.37 -7.28 5.94
CA LYS A 399 13.12 -6.11 6.35
C LYS A 399 13.71 -6.34 7.72
N THR A 400 12.90 -6.88 8.63
CA THR A 400 13.34 -7.08 10.00
C THR A 400 14.46 -8.08 10.08
N ILE A 401 14.26 -9.27 9.51
CA ILE A 401 15.27 -10.30 9.62
C ILE A 401 16.55 -9.86 8.92
N LEU A 402 16.43 -9.24 7.75
CA LEU A 402 17.62 -8.83 7.03
C LEU A 402 18.25 -7.58 7.61
N SER A 403 17.63 -6.95 8.60
CA SER A 403 18.26 -5.79 9.21
C SER A 403 19.33 -6.15 10.22
N PHE A 404 19.42 -7.41 10.62
CA PHE A 404 20.36 -7.79 11.65
C PHE A 404 21.75 -8.06 11.09
N PRO B 3 19.16 5.69 11.60
CA PRO B 3 19.67 6.44 10.44
C PRO B 3 18.63 6.69 9.33
N THR B 4 18.12 7.92 9.29
CA THR B 4 17.10 8.26 8.32
C THR B 4 17.75 8.50 6.97
N SER B 5 16.91 8.81 5.99
CA SER B 5 17.42 9.10 4.65
C SER B 5 18.25 10.38 4.67
N ASP B 6 17.78 11.42 5.37
CA ASP B 6 18.54 12.67 5.44
C ASP B 6 19.89 12.46 6.13
N ASP B 7 19.95 11.65 7.19
CA ASP B 7 21.21 11.39 7.84
C ASP B 7 22.21 10.73 6.90
N ILE B 8 21.73 9.79 6.09
CA ILE B 8 22.59 9.11 5.11
C ILE B 8 23.09 10.10 4.06
N PHE B 9 22.19 10.93 3.51
CA PHE B 9 22.60 11.95 2.55
C PHE B 9 23.69 12.83 3.15
N GLU B 10 23.41 13.36 4.36
CA GLU B 10 24.34 14.31 4.98
C GLU B 10 25.68 13.67 5.26
N ARG B 11 25.70 12.40 5.70
CA ARG B 11 26.97 11.78 6.01
C ARG B 11 27.81 11.58 4.75
N GLU B 12 27.20 11.11 3.66
CA GLU B 12 27.94 11.03 2.39
C GLU B 12 28.46 12.41 1.96
N TYR B 13 27.64 13.43 2.15
CA TYR B 13 28.09 14.77 1.78
C TYR B 13 29.32 15.16 2.57
N LYS B 14 29.40 14.71 3.83
CA LYS B 14 30.50 15.10 4.70
C LYS B 14 31.78 14.33 4.38
N TYR B 15 31.68 13.01 4.17
CA TYR B 15 32.88 12.17 4.12
C TYR B 15 33.20 11.60 2.75
N GLY B 16 32.31 11.70 1.77
CA GLY B 16 32.54 11.15 0.45
C GLY B 16 32.71 12.23 -0.59
N ALA B 17 33.53 11.93 -1.59
CA ALA B 17 33.71 12.82 -2.73
C ALA B 17 32.37 13.20 -3.34
N HIS B 18 32.32 14.39 -3.92
CA HIS B 18 31.11 14.92 -4.54
C HIS B 18 31.09 14.63 -6.04
N ASN B 19 31.45 13.41 -6.42
CA ASN B 19 31.52 13.06 -7.84
C ASN B 19 30.17 12.60 -8.41
N TYR B 20 29.13 12.54 -7.59
CA TYR B 20 27.78 12.26 -8.07
C TYR B 20 26.77 13.16 -7.38
N HIS B 21 25.60 13.36 -8.01
CA HIS B 21 24.41 13.95 -7.38
C HIS B 21 23.30 12.92 -7.56
N PRO B 22 23.21 11.93 -6.68
CA PRO B 22 22.20 10.88 -6.86
C PRO B 22 20.79 11.41 -6.67
N LEU B 23 19.83 10.65 -7.16
CA LEU B 23 18.44 10.95 -6.82
C LEU B 23 18.27 10.77 -5.31
N PRO B 24 17.67 11.75 -4.61
CA PRO B 24 17.50 11.65 -3.13
C PRO B 24 16.69 10.47 -2.64
N VAL B 25 17.28 9.28 -2.60
CA VAL B 25 16.65 8.09 -2.03
C VAL B 25 17.76 7.23 -1.47
N ALA B 26 17.53 6.65 -0.28
CA ALA B 26 18.57 5.92 0.45
C ALA B 26 18.12 4.48 0.65
N LEU B 27 18.68 3.57 -0.14
CA LEU B 27 18.20 2.20 -0.16
C LEU B 27 18.92 1.31 0.85
N GLU B 28 18.16 0.37 1.39
CA GLU B 28 18.65 -0.56 2.38
C GLU B 28 18.57 -2.01 1.94
N ARG B 29 17.66 -2.34 1.03
CA ARG B 29 17.41 -3.72 0.67
C ARG B 29 16.92 -3.80 -0.76
N GLY B 30 17.35 -4.85 -1.45
CA GLY B 30 16.94 -5.11 -2.82
C GLY B 30 16.65 -6.58 -2.99
N LYS B 31 15.60 -6.91 -3.73
CA LYS B 31 15.24 -8.30 -3.98
C LYS B 31 14.40 -8.36 -5.25
N GLY B 32 14.92 -9.02 -6.26
CA GLY B 32 14.20 -9.12 -7.52
C GLY B 32 14.03 -7.74 -8.14
N ILE B 33 12.77 -7.37 -8.43
CA ILE B 33 12.49 -6.09 -9.07
C ILE B 33 12.32 -4.93 -8.09
N TYR B 34 12.45 -5.18 -6.80
CA TYR B 34 12.08 -4.19 -5.80
C TYR B 34 13.29 -3.69 -5.00
N LEU B 35 13.22 -2.42 -4.60
CA LEU B 35 14.14 -1.83 -3.65
C LEU B 35 13.36 -1.22 -2.48
N TRP B 36 13.95 -1.25 -1.29
CA TRP B 36 13.34 -0.64 -0.11
C TRP B 36 14.28 0.41 0.47
N ASP B 37 13.73 1.57 0.86
CA ASP B 37 14.58 2.58 1.49
C ASP B 37 14.61 2.36 3.00
N VAL B 38 15.40 3.18 3.71
CA VAL B 38 15.55 2.96 5.15
C VAL B 38 14.26 3.25 5.89
N GLU B 39 13.34 4.03 5.31
CA GLU B 39 12.02 4.20 5.91
C GLU B 39 11.11 3.01 5.68
N GLY B 40 11.56 1.99 4.94
CA GLY B 40 10.73 0.84 4.65
C GLY B 40 9.80 0.99 3.46
N ARG B 41 9.96 2.05 2.66
CA ARG B 41 9.12 2.22 1.49
C ARG B 41 9.59 1.37 0.32
N LYS B 42 8.63 0.91 -0.50
CA LYS B 42 8.90 -0.04 -1.57
C LYS B 42 8.89 0.67 -2.93
N TYR B 43 9.89 0.38 -3.75
CA TYR B 43 10.03 1.02 -5.05
C TYR B 43 10.27 -0.05 -6.11
N PHE B 44 9.62 0.12 -7.26
CA PHE B 44 10.08 -0.56 -8.47
C PHE B 44 11.45 -0.02 -8.89
N ASP B 45 12.38 -0.92 -9.19
CA ASP B 45 13.66 -0.50 -9.73
C ASP B 45 13.54 -0.48 -11.25
N PHE B 46 13.56 0.70 -11.85
CA PHE B 46 13.53 0.82 -13.31
C PHE B 46 14.86 1.29 -13.86
N LEU B 47 15.95 1.09 -13.11
CA LEU B 47 17.29 1.28 -13.64
C LEU B 47 18.11 0.00 -13.65
N SER B 48 17.91 -0.90 -12.69
CA SER B 48 18.63 -2.18 -12.62
C SER B 48 20.15 -1.99 -12.54
N SER B 49 20.59 -0.95 -11.83
CA SER B 49 22.02 -0.67 -11.67
C SER B 49 22.73 -0.67 -13.02
N TYR B 50 22.07 -0.07 -14.01
CA TYR B 50 22.58 0.01 -15.38
C TYR B 50 22.82 -1.38 -15.96
N SER B 51 21.88 -2.30 -15.74
CA SER B 51 21.84 -3.68 -16.23
C SER B 51 22.71 -4.62 -15.42
N ALA B 52 23.36 -4.17 -14.35
CA ALA B 52 24.12 -5.09 -13.53
C ALA B 52 23.21 -6.05 -12.77
N VAL B 53 21.98 -5.66 -12.46
CA VAL B 53 21.09 -6.62 -11.80
C VAL B 53 19.98 -7.03 -12.77
N ASN B 54 20.36 -7.38 -14.01
CA ASN B 54 19.41 -7.97 -14.96
C ASN B 54 18.64 -9.14 -14.34
N GLN B 55 19.31 -9.93 -13.51
CA GLN B 55 18.74 -11.09 -12.83
C GLN B 55 17.91 -10.73 -11.60
N GLY B 56 17.67 -9.44 -11.34
CA GLY B 56 17.07 -9.02 -10.10
C GLY B 56 18.09 -8.88 -8.98
N HIS B 57 17.75 -8.06 -7.98
CA HIS B 57 18.62 -7.88 -6.83
C HIS B 57 18.68 -9.17 -6.04
N CYS B 58 19.89 -9.58 -5.66
CA CYS B 58 20.10 -10.67 -4.70
C CYS B 58 19.44 -11.98 -5.16
N HIS B 59 19.69 -12.34 -6.42
CA HIS B 59 19.16 -13.59 -6.95
C HIS B 59 19.72 -14.76 -6.16
N PRO B 60 18.88 -15.66 -5.66
CA PRO B 60 19.37 -16.68 -4.72
C PRO B 60 20.43 -17.61 -5.30
N LYS B 61 20.39 -17.91 -6.60
CA LYS B 61 21.42 -18.82 -7.13
C LYS B 61 22.79 -18.17 -7.17
N ILE B 62 22.84 -16.88 -7.55
CA ILE B 62 24.11 -16.16 -7.55
C ILE B 62 24.62 -15.96 -6.13
N VAL B 63 23.68 -15.62 -5.21
CA VAL B 63 24.02 -15.50 -3.80
C VAL B 63 24.64 -16.80 -3.30
N ASN B 64 24.01 -17.94 -3.60
CA ASN B 64 24.50 -19.22 -3.11
C ASN B 64 25.87 -19.55 -3.70
N ALA B 65 26.10 -19.21 -4.97
CA ALA B 65 27.43 -19.42 -5.55
C ALA B 65 28.49 -18.62 -4.80
N LEU B 66 28.22 -17.35 -4.52
CA LEU B 66 29.16 -16.54 -3.75
C LEU B 66 29.38 -17.12 -2.35
N LYS B 67 28.30 -17.51 -1.66
CA LYS B 67 28.45 -18.02 -0.31
C LYS B 67 29.20 -19.35 -0.29
N SER B 68 29.03 -20.17 -1.32
CA SER B 68 29.74 -21.44 -1.37
C SER B 68 31.23 -21.22 -1.61
N GLN B 69 31.59 -20.29 -2.50
CA GLN B 69 33.00 -20.15 -2.85
C GLN B 69 33.77 -19.31 -1.82
N VAL B 70 33.11 -18.42 -1.08
CA VAL B 70 33.83 -17.52 -0.20
C VAL B 70 34.50 -18.26 0.96
N ASP B 71 34.01 -19.44 1.31
CA ASP B 71 34.64 -20.22 2.38
C ASP B 71 35.82 -21.02 1.91
N LYS B 72 36.00 -21.18 0.60
CA LYS B 72 37.06 -22.02 0.05
C LYS B 72 38.31 -21.22 -0.28
N LEU B 73 38.15 -20.18 -1.09
CA LEU B 73 39.25 -19.51 -1.74
C LEU B 73 38.69 -18.30 -2.49
N THR B 74 39.22 -17.10 -2.26
CA THR B 74 38.71 -15.92 -2.96
C THR B 74 39.74 -15.26 -3.88
N LEU B 75 41.03 -15.37 -3.58
CA LEU B 75 42.04 -14.69 -4.38
C LEU B 75 43.42 -15.29 -4.15
N THR B 76 44.00 -15.86 -5.19
CA THR B 76 45.41 -16.26 -5.19
C THR B 76 46.30 -15.25 -5.90
N SER B 77 45.71 -14.32 -6.66
CA SER B 77 46.35 -13.57 -7.73
C SER B 77 46.70 -14.54 -8.87
N ARG B 78 47.08 -14.00 -10.02
CA ARG B 78 47.40 -14.82 -11.18
C ARG B 78 48.85 -15.30 -11.17
N ALA B 79 49.57 -15.11 -10.06
CA ALA B 79 50.90 -15.69 -9.93
C ALA B 79 50.83 -17.21 -9.85
N PHE B 80 49.66 -17.73 -9.50
CA PHE B 80 49.37 -19.16 -9.44
C PHE B 80 48.03 -19.40 -10.13
N TYR B 81 47.69 -20.68 -10.29
CA TYR B 81 46.38 -21.07 -10.83
C TYR B 81 45.41 -21.31 -9.67
N ASN B 82 44.15 -20.95 -9.89
CA ASN B 82 43.06 -21.39 -9.02
C ASN B 82 42.20 -22.36 -9.79
N ASN B 83 41.39 -23.14 -9.08
CA ASN B 83 40.69 -24.24 -9.74
C ASN B 83 39.46 -23.80 -10.52
N VAL B 84 39.02 -22.56 -10.39
CA VAL B 84 37.71 -22.11 -10.89
C VAL B 84 37.83 -21.45 -12.25
N LEU B 85 38.87 -20.61 -12.42
CA LEU B 85 38.98 -19.75 -13.59
C LEU B 85 38.80 -20.54 -14.88
N GLY B 86 39.45 -21.72 -14.97
CA GLY B 86 39.37 -22.51 -16.18
C GLY B 86 37.97 -23.02 -16.50
N GLU B 87 37.23 -23.49 -15.49
CA GLU B 87 35.85 -23.92 -15.73
C GLU B 87 35.01 -22.76 -16.26
N TYR B 88 35.16 -21.57 -15.68
CA TYR B 88 34.43 -20.39 -16.15
C TYR B 88 34.83 -19.99 -17.56
N GLU B 89 36.13 -20.03 -17.85
CA GLU B 89 36.58 -19.70 -19.20
C GLU B 89 35.97 -20.65 -20.22
N GLU B 90 36.00 -21.95 -19.93
CA GLU B 90 35.40 -22.90 -20.85
C GLU B 90 33.92 -22.58 -21.04
N TYR B 91 33.22 -22.33 -19.93
CA TYR B 91 31.79 -22.04 -19.99
C TYR B 91 31.50 -20.80 -20.83
N ILE B 92 32.17 -19.68 -20.55
CA ILE B 92 31.78 -18.43 -21.23
C ILE B 92 32.28 -18.41 -22.69
N THR B 93 33.45 -18.99 -22.98
CA THR B 93 33.90 -18.98 -24.36
C THR B 93 33.01 -19.86 -25.23
N LYS B 94 32.61 -21.04 -24.72
CA LYS B 94 31.69 -21.85 -25.50
C LYS B 94 30.33 -21.20 -25.63
N LEU B 95 29.89 -20.50 -24.57
CA LEU B 95 28.54 -19.94 -24.59
C LEU B 95 28.41 -18.86 -25.65
N PHE B 96 29.43 -18.02 -25.82
CA PHE B 96 29.37 -16.97 -26.84
C PHE B 96 30.13 -17.33 -28.11
N ASN B 97 30.79 -18.50 -28.15
CA ASN B 97 31.44 -19.03 -29.34
C ASN B 97 32.59 -18.16 -29.81
N TYR B 98 33.51 -17.84 -28.88
CA TYR B 98 34.85 -17.36 -29.18
C TYR B 98 35.83 -18.33 -28.53
N HIS B 99 37.07 -18.29 -29.00
CA HIS B 99 38.07 -19.21 -28.47
C HIS B 99 38.42 -18.89 -27.03
N LYS B 100 38.65 -17.61 -26.73
CA LYS B 100 39.28 -17.23 -25.48
C LYS B 100 38.62 -16.01 -24.88
N VAL B 101 38.69 -15.95 -23.55
CA VAL B 101 38.26 -14.80 -22.80
C VAL B 101 39.47 -14.31 -22.00
N LEU B 102 39.60 -12.98 -21.87
CA LEU B 102 40.55 -12.36 -20.95
C LEU B 102 39.76 -11.74 -19.80
N PRO B 103 39.89 -12.23 -18.57
CA PRO B 103 39.04 -11.72 -17.48
C PRO B 103 39.57 -10.43 -16.88
N MET B 104 38.63 -9.52 -16.60
CA MET B 104 38.93 -8.31 -15.87
C MET B 104 37.83 -8.08 -14.83
N ASN B 105 37.80 -6.87 -14.27
CA ASN B 105 36.93 -6.61 -13.14
C ASN B 105 35.85 -5.59 -13.48
N THR B 106 36.21 -4.42 -14.03
CA THR B 106 35.21 -3.43 -14.35
C THR B 106 35.05 -3.29 -15.84
N GLY B 107 33.95 -2.62 -16.23
CA GLY B 107 33.71 -2.43 -17.64
C GLY B 107 34.81 -1.63 -18.31
N VAL B 108 35.31 -0.59 -17.63
CA VAL B 108 36.30 0.24 -18.28
C VAL B 108 37.61 -0.53 -18.46
N GLU B 109 37.94 -1.45 -17.54
CA GLU B 109 39.11 -2.30 -17.71
C GLU B 109 38.96 -3.20 -18.93
N ALA B 110 37.74 -3.70 -19.16
CA ALA B 110 37.54 -4.48 -20.38
C ALA B 110 37.74 -3.61 -21.61
N GLY B 111 37.25 -2.37 -21.58
CA GLY B 111 37.47 -1.51 -22.71
C GLY B 111 38.95 -1.21 -22.95
N GLU B 112 39.69 -0.92 -21.87
CA GLU B 112 41.12 -0.64 -21.98
C GLU B 112 41.85 -1.84 -22.56
N THR B 113 41.51 -3.03 -22.10
CA THR B 113 42.08 -4.25 -22.66
C THR B 113 41.79 -4.34 -24.14
N ALA B 114 40.57 -4.01 -24.55
CA ALA B 114 40.21 -4.08 -25.95
C ALA B 114 41.10 -3.15 -26.79
N CYS B 115 41.31 -1.91 -26.33
CA CYS B 115 42.18 -0.98 -27.06
C CYS B 115 43.62 -1.48 -27.10
N LYS B 116 44.10 -2.04 -25.99
CA LYS B 116 45.44 -2.63 -25.99
C LYS B 116 45.53 -3.78 -26.99
N LEU B 117 44.51 -4.65 -27.02
CA LEU B 117 44.49 -5.75 -28.00
C LEU B 117 44.56 -5.21 -29.42
N ALA B 118 43.71 -4.23 -29.70
CA ALA B 118 43.59 -3.67 -31.04
C ALA B 118 44.90 -3.08 -31.49
N ARG B 119 45.57 -2.34 -30.59
CA ARG B 119 46.82 -1.73 -30.98
C ARG B 119 47.89 -2.79 -31.21
N LYS B 120 48.01 -3.74 -30.28
CA LYS B 120 49.01 -4.80 -30.44
C LYS B 120 48.76 -5.61 -31.72
N TRP B 121 47.49 -5.88 -32.02
CA TRP B 121 47.14 -6.59 -33.24
C TRP B 121 47.43 -5.72 -34.46
N GLY B 122 47.05 -4.45 -34.43
CA GLY B 122 47.40 -3.58 -35.53
C GLY B 122 48.88 -3.67 -35.83
N TYR B 123 49.71 -3.51 -34.79
CA TYR B 123 51.16 -3.46 -35.01
C TYR B 123 51.72 -4.82 -35.44
N THR B 124 51.31 -5.91 -34.77
CA THR B 124 51.99 -7.19 -34.92
C THR B 124 51.38 -8.07 -36.00
N VAL B 125 50.12 -7.86 -36.37
CA VAL B 125 49.44 -8.61 -37.41
C VAL B 125 49.10 -7.73 -38.60
N LYS B 126 48.47 -6.56 -38.36
CA LYS B 126 48.08 -5.74 -39.49
C LYS B 126 49.28 -5.09 -40.15
N GLY B 127 50.31 -4.80 -39.36
CA GLY B 127 51.50 -4.19 -39.90
C GLY B 127 51.54 -2.67 -39.84
N ILE B 128 50.64 -2.03 -39.08
CA ILE B 128 50.77 -0.60 -38.84
C ILE B 128 52.13 -0.31 -38.21
N GLN B 129 52.76 0.79 -38.61
CA GLN B 129 54.02 1.23 -38.00
C GLN B 129 53.79 1.72 -36.58
N LYS B 130 54.75 1.41 -35.68
CA LYS B 130 54.51 1.57 -34.25
C LYS B 130 54.11 2.98 -33.86
N TYR B 131 52.93 3.05 -33.28
CA TYR B 131 52.28 4.13 -32.54
C TYR B 131 51.54 5.07 -33.49
N LYS B 132 51.34 4.63 -34.75
CA LYS B 132 50.40 5.26 -35.67
C LYS B 132 49.01 4.65 -35.62
N ALA B 133 48.79 3.57 -34.87
CA ALA B 133 47.51 2.89 -34.89
C ALA B 133 46.40 3.82 -34.41
N LYS B 134 45.28 3.80 -35.13
CA LYS B 134 44.13 4.61 -34.74
C LYS B 134 43.00 3.70 -34.27
N ILE B 135 42.19 4.20 -33.34
CA ILE B 135 40.92 3.56 -33.00
C ILE B 135 39.81 4.59 -33.18
N VAL B 136 38.72 4.18 -33.81
CA VAL B 136 37.60 5.06 -34.09
C VAL B 136 36.43 4.73 -33.14
N PHE B 137 35.78 5.77 -32.67
CA PHE B 137 34.65 5.67 -31.75
C PHE B 137 33.50 6.50 -32.30
N ALA B 138 32.32 6.18 -31.86
CA ALA B 138 31.12 6.90 -32.26
C ALA B 138 30.81 7.98 -31.22
N ALA B 139 30.43 9.15 -31.70
CA ALA B 139 30.01 10.21 -30.79
C ALA B 139 28.86 9.73 -29.91
N GLY B 140 28.88 10.13 -28.64
CA GLY B 140 27.94 9.66 -27.64
C GLY B 140 28.37 8.39 -26.95
N ASN B 141 29.51 7.83 -27.32
CA ASN B 141 29.94 6.58 -26.70
C ASN B 141 30.23 6.82 -25.23
N PHE B 142 30.09 5.75 -24.45
CA PHE B 142 30.51 5.75 -23.07
C PHE B 142 31.13 4.39 -22.77
N TRP B 143 32.36 4.38 -22.25
CA TRP B 143 32.87 3.12 -21.74
C TRP B 143 33.67 3.30 -20.44
N GLY B 144 33.44 4.37 -19.69
CA GLY B 144 34.06 4.52 -18.40
C GLY B 144 34.79 5.84 -18.26
N ARG B 145 35.66 5.90 -17.25
CA ARG B 145 36.10 7.17 -16.69
C ARG B 145 37.62 7.32 -16.59
N THR B 146 38.38 6.35 -17.10
CA THR B 146 39.82 6.52 -17.18
C THR B 146 40.18 7.65 -18.15
N LEU B 147 41.46 8.05 -18.10
CA LEU B 147 41.94 9.10 -19.01
C LEU B 147 41.77 8.71 -20.47
N SER B 148 42.02 7.45 -20.80
CA SER B 148 41.79 6.98 -22.16
C SER B 148 40.31 7.06 -22.55
N ALA B 149 39.44 6.52 -21.69
CA ALA B 149 38.03 6.46 -22.04
C ALA B 149 37.43 7.86 -22.20
N ILE B 150 37.83 8.81 -21.35
CA ILE B 150 37.33 10.17 -21.57
C ILE B 150 38.01 10.86 -22.76
N SER B 151 39.21 10.42 -23.16
CA SER B 151 39.82 10.89 -24.40
C SER B 151 39.02 10.50 -25.64
N SER B 152 38.20 9.44 -25.57
CA SER B 152 37.31 9.16 -26.72
C SER B 152 35.90 9.74 -26.56
N SER B 153 35.63 10.49 -25.49
CA SER B 153 34.27 10.93 -25.22
C SER B 153 33.94 12.20 -26.00
N THR B 154 32.66 12.34 -26.37
CA THR B 154 32.18 13.62 -26.89
C THR B 154 31.38 14.37 -25.84
N ASP B 155 31.36 13.86 -24.60
CA ASP B 155 30.65 14.53 -23.51
C ASP B 155 31.64 15.45 -22.80
N PRO B 156 31.47 16.78 -22.87
CA PRO B 156 32.45 17.69 -22.23
C PRO B 156 32.61 17.48 -20.74
N THR B 157 31.57 17.02 -20.04
CA THR B 157 31.68 16.81 -18.59
C THR B 157 32.62 15.65 -18.26
N SER B 158 32.86 14.74 -19.21
CA SER B 158 33.79 13.65 -18.94
C SER B 158 35.24 14.09 -19.06
N TYR B 159 35.57 14.91 -20.06
CA TYR B 159 36.97 15.15 -20.36
C TYR B 159 37.47 16.57 -20.05
N ASP B 160 36.59 17.59 -19.97
CA ASP B 160 37.04 18.96 -19.76
C ASP B 160 37.80 19.06 -18.43
N GLY B 161 39.00 19.65 -18.48
CA GLY B 161 39.83 19.80 -17.31
C GLY B 161 40.57 18.56 -16.89
N PHE B 162 40.53 17.49 -17.68
CA PHE B 162 41.24 16.26 -17.36
C PHE B 162 42.32 15.91 -18.38
N GLY B 163 42.59 16.78 -19.36
CA GLY B 163 43.62 16.52 -20.34
C GLY B 163 45.02 16.80 -19.78
N PRO B 164 46.04 16.61 -20.65
CA PRO B 164 46.00 16.24 -22.07
C PRO B 164 45.53 14.83 -22.33
N PHE B 165 45.15 14.55 -23.55
CA PHE B 165 44.38 13.36 -23.83
C PHE B 165 45.19 12.34 -24.60
N MET B 166 44.68 11.13 -24.59
CA MET B 166 45.29 10.02 -25.30
C MET B 166 45.21 10.25 -26.81
N PRO B 167 46.32 10.18 -27.52
CA PRO B 167 46.27 10.24 -28.98
C PRO B 167 45.81 8.92 -29.59
N GLY B 168 45.44 8.99 -30.87
CA GLY B 168 45.11 7.80 -31.61
C GLY B 168 43.66 7.44 -31.56
N PHE B 169 42.81 8.31 -31.04
CA PHE B 169 41.37 8.09 -30.93
C PHE B 169 40.68 9.09 -31.86
N ASP B 170 39.91 8.57 -32.84
CA ASP B 170 39.13 9.39 -33.75
C ASP B 170 37.66 9.12 -33.50
N ILE B 171 36.82 10.12 -33.74
CA ILE B 171 35.40 10.02 -33.39
C ILE B 171 34.57 10.37 -34.61
N ILE B 172 33.55 9.56 -34.91
CA ILE B 172 32.62 9.80 -36.02
C ILE B 172 31.20 9.80 -35.49
N PRO B 173 30.21 10.28 -36.25
CA PRO B 173 28.83 10.15 -35.79
C PRO B 173 28.43 8.69 -35.61
N TYR B 174 27.57 8.47 -34.64
CA TYR B 174 26.90 7.19 -34.47
C TYR B 174 25.92 6.97 -35.63
N ASN B 175 25.61 5.70 -35.90
CA ASN B 175 24.50 5.36 -36.77
C ASN B 175 24.71 5.94 -38.18
N ASP B 176 25.95 5.84 -38.67
CA ASP B 176 26.33 6.56 -39.90
C ASP B 176 27.37 5.70 -40.64
N LEU B 177 26.88 4.88 -41.59
CA LEU B 177 27.80 3.98 -42.32
C LEU B 177 28.69 4.75 -43.29
N PRO B 178 28.19 5.75 -44.04
CA PRO B 178 29.13 6.59 -44.82
C PRO B 178 30.28 7.18 -44.00
N ALA B 179 30.01 7.63 -42.77
CA ALA B 179 31.12 8.14 -41.95
C ALA B 179 32.11 7.04 -41.59
N LEU B 180 31.63 5.84 -41.24
CA LEU B 180 32.55 4.76 -40.92
C LEU B 180 33.39 4.39 -42.15
N GLU B 181 32.74 4.24 -43.31
CA GLU B 181 33.48 3.92 -44.53
C GLU B 181 34.57 4.98 -44.80
N ARG B 182 34.19 6.26 -44.70
CA ARG B 182 35.14 7.32 -44.93
C ARG B 182 36.32 7.21 -43.97
N ALA B 183 36.02 7.01 -42.68
CA ALA B 183 37.07 6.94 -41.68
C ALA B 183 38.01 5.79 -41.96
N LEU B 184 37.46 4.67 -42.40
CA LEU B 184 38.25 3.46 -42.63
C LEU B 184 39.03 3.50 -43.92
N GLN B 185 38.92 4.55 -44.73
CA GLN B 185 39.92 4.66 -45.78
C GLN B 185 41.35 4.85 -45.24
N ASP B 186 41.51 5.24 -43.97
CA ASP B 186 42.83 5.40 -43.39
C ASP B 186 43.39 4.03 -42.97
N PRO B 187 44.46 3.55 -43.60
CA PRO B 187 44.96 2.21 -43.28
C PRO B 187 45.54 2.07 -41.87
N ASN B 188 45.85 3.17 -41.18
CA ASN B 188 46.36 3.10 -39.81
C ASN B 188 45.25 2.92 -38.77
N VAL B 189 44.01 2.75 -39.20
CA VAL B 189 42.93 2.45 -38.28
C VAL B 189 42.99 0.96 -37.94
N ALA B 190 42.99 0.65 -36.64
CA ALA B 190 43.09 -0.73 -36.20
C ALA B 190 41.76 -1.33 -35.76
N ALA B 191 40.82 -0.49 -35.29
CA ALA B 191 39.60 -0.97 -34.68
C ALA B 191 38.56 0.13 -34.68
N PHE B 192 37.32 -0.28 -34.70
CA PHE B 192 36.16 0.58 -34.45
C PHE B 192 35.46 -0.05 -33.27
N MET B 193 35.32 0.72 -32.19
CA MET B 193 34.59 0.32 -30.99
C MET B 193 33.26 1.08 -30.92
N VAL B 194 32.17 0.35 -30.73
CA VAL B 194 30.84 0.95 -30.80
C VAL B 194 29.87 0.13 -29.96
N GLU B 195 28.91 0.82 -29.34
CA GLU B 195 27.82 0.15 -28.61
C GLU B 195 26.69 -0.17 -29.59
N PRO B 196 26.12 -1.38 -29.56
CA PRO B 196 25.01 -1.70 -30.49
C PRO B 196 23.78 -0.86 -30.24
N ILE B 197 23.55 -0.54 -28.98
CA ILE B 197 22.63 0.53 -28.58
C ILE B 197 23.39 1.35 -27.53
N GLN B 198 23.37 2.68 -27.67
CA GLN B 198 24.14 3.54 -26.77
C GLN B 198 23.33 3.81 -25.52
N GLY B 199 23.79 3.27 -24.39
CA GLY B 199 23.04 3.42 -23.15
C GLY B 199 23.10 4.80 -22.52
N GLU B 200 24.30 5.24 -22.13
CA GLU B 200 24.39 6.47 -21.37
C GLU B 200 24.12 7.69 -22.25
N ALA B 201 24.16 7.54 -23.58
CA ALA B 201 23.74 8.62 -24.47
C ALA B 201 22.23 8.83 -24.48
N GLY B 202 21.46 7.92 -23.91
CA GLY B 202 20.02 8.06 -23.86
C GLY B 202 19.32 6.96 -24.62
N VAL B 203 19.88 5.74 -24.56
CA VAL B 203 19.33 4.57 -25.26
C VAL B 203 19.12 4.94 -26.72
N VAL B 204 20.20 5.28 -27.39
CA VAL B 204 20.14 5.69 -28.79
C VAL B 204 20.24 4.40 -29.60
N VAL B 205 19.14 4.02 -30.24
CA VAL B 205 19.08 2.80 -31.02
C VAL B 205 19.41 3.13 -32.47
N PRO B 206 20.41 2.48 -33.07
CA PRO B 206 20.73 2.74 -34.48
C PRO B 206 19.69 2.13 -35.42
N ASP B 207 19.77 2.53 -36.70
CA ASP B 207 18.77 2.12 -37.68
C ASP B 207 18.98 0.64 -38.02
N PRO B 208 17.92 -0.08 -38.41
CA PRO B 208 18.10 -1.46 -38.89
C PRO B 208 19.18 -1.52 -39.96
N GLY B 209 20.10 -2.49 -39.84
CA GLY B 209 21.18 -2.63 -40.78
C GLY B 209 22.50 -1.94 -40.39
N TYR B 210 22.50 -1.08 -39.39
CA TYR B 210 23.75 -0.37 -39.05
C TYR B 210 24.84 -1.37 -38.69
N LEU B 211 24.51 -2.36 -37.86
CA LEU B 211 25.48 -3.34 -37.40
C LEU B 211 25.96 -4.26 -38.52
N MET B 212 25.05 -4.66 -39.43
CA MET B 212 25.47 -5.38 -40.63
C MET B 212 26.47 -4.57 -41.44
N GLY B 213 26.20 -3.27 -41.59
CA GLY B 213 27.11 -2.41 -42.33
C GLY B 213 28.43 -2.22 -41.61
N VAL B 214 28.40 -2.13 -40.28
CA VAL B 214 29.64 -1.99 -39.53
C VAL B 214 30.49 -3.23 -39.73
N ARG B 215 29.86 -4.40 -39.63
CA ARG B 215 30.58 -5.66 -39.80
C ARG B 215 31.23 -5.74 -41.18
N GLU B 216 30.46 -5.46 -42.23
CA GLU B 216 30.99 -5.57 -43.59
C GLU B 216 32.16 -4.61 -43.80
N LEU B 217 32.00 -3.34 -43.38
CA LEU B 217 33.07 -2.34 -43.59
C LEU B 217 34.33 -2.67 -42.79
N CYS B 218 34.20 -3.15 -41.54
CA CYS B 218 35.40 -3.52 -40.80
C CYS B 218 36.10 -4.70 -41.46
N THR B 219 35.34 -5.69 -41.94
CA THR B 219 35.99 -6.82 -42.61
C THR B 219 36.67 -6.36 -43.89
N ARG B 220 35.97 -5.55 -44.69
CA ARG B 220 36.49 -5.06 -45.98
C ARG B 220 37.79 -4.31 -45.82
N HIS B 221 37.95 -3.58 -44.71
CA HIS B 221 39.09 -2.70 -44.53
C HIS B 221 40.08 -3.19 -43.49
N GLN B 222 40.03 -4.48 -43.12
CA GLN B 222 40.95 -5.11 -42.16
C GLN B 222 40.99 -4.32 -40.84
N VAL B 223 39.81 -4.09 -40.27
CA VAL B 223 39.66 -3.39 -38.99
C VAL B 223 38.86 -4.25 -38.02
N LEU B 224 39.30 -4.28 -36.74
CA LEU B 224 38.58 -5.03 -35.71
C LEU B 224 37.33 -4.27 -35.30
N PHE B 225 36.22 -5.00 -35.26
CA PHE B 225 34.90 -4.55 -34.86
C PHE B 225 34.78 -4.93 -33.38
N ILE B 226 34.90 -3.94 -32.51
CA ILE B 226 34.79 -4.19 -31.09
C ILE B 226 33.37 -3.84 -30.67
N ALA B 227 32.63 -4.82 -30.17
CA ALA B 227 31.27 -4.55 -29.73
C ALA B 227 31.27 -4.46 -28.21
N ASP B 228 30.83 -3.31 -27.71
CA ASP B 228 30.77 -3.01 -26.28
C ASP B 228 29.36 -3.35 -25.84
N GLU B 229 29.17 -4.55 -25.29
CA GLU B 229 27.88 -5.03 -24.80
C GLU B 229 27.86 -5.09 -23.27
N ILE B 230 28.64 -4.22 -22.61
CA ILE B 230 28.75 -4.21 -21.15
C ILE B 230 27.40 -3.83 -20.53
N GLN B 231 26.65 -2.92 -21.18
CA GLN B 231 25.28 -2.60 -20.78
C GLN B 231 24.19 -3.33 -21.57
N THR B 232 24.39 -3.52 -22.87
CA THR B 232 23.37 -4.11 -23.74
C THR B 232 23.37 -5.64 -23.73
N GLY B 233 24.48 -6.27 -23.34
CA GLY B 233 24.57 -7.71 -23.42
C GLY B 233 23.73 -8.42 -22.36
N LEU B 234 23.76 -9.74 -22.42
CA LEU B 234 23.23 -10.61 -21.37
C LEU B 234 21.72 -10.42 -21.21
N ALA B 235 21.00 -10.48 -22.34
CA ALA B 235 19.54 -10.57 -22.40
C ALA B 235 18.82 -9.26 -22.14
N ARG B 236 19.50 -8.15 -21.81
CA ARG B 236 18.79 -6.91 -21.49
C ARG B 236 17.93 -6.42 -22.67
N THR B 237 18.45 -6.52 -23.89
CA THR B 237 17.72 -6.03 -25.06
C THR B 237 16.83 -7.09 -25.72
N GLY B 238 16.68 -8.26 -25.08
CA GLY B 238 15.88 -9.33 -25.64
C GLY B 238 16.63 -10.35 -26.46
N ARG B 239 17.98 -10.26 -26.52
CA ARG B 239 18.84 -11.28 -27.13
C ARG B 239 20.10 -11.42 -26.27
N TRP B 240 20.82 -12.54 -26.42
CA TRP B 240 22.03 -12.77 -25.63
C TRP B 240 23.02 -11.61 -25.80
N LEU B 241 23.16 -11.12 -27.03
CA LEU B 241 23.92 -9.92 -27.31
C LEU B 241 23.03 -9.06 -28.20
N ALA B 242 23.09 -7.74 -28.01
CA ALA B 242 22.25 -6.88 -28.82
C ALA B 242 22.60 -7.03 -30.31
N VAL B 243 23.84 -7.39 -30.62
CA VAL B 243 24.20 -7.57 -32.03
C VAL B 243 23.47 -8.76 -32.65
N ASP B 244 22.89 -9.66 -31.83
CA ASP B 244 22.23 -10.82 -32.41
C ASP B 244 20.99 -10.43 -33.20
N TYR B 245 20.42 -9.25 -32.93
CA TYR B 245 19.27 -8.81 -33.73
C TYR B 245 19.66 -8.70 -35.22
N GLU B 246 20.92 -8.43 -35.53
CA GLU B 246 21.39 -8.35 -36.92
C GLU B 246 22.30 -9.51 -37.29
N ASN B 247 22.43 -10.51 -36.42
CA ASN B 247 23.25 -11.68 -36.69
C ASN B 247 24.64 -11.29 -37.19
N VAL B 248 25.31 -10.42 -36.45
CA VAL B 248 26.68 -10.06 -36.77
C VAL B 248 27.56 -10.59 -35.66
N ARG B 249 28.78 -10.98 -36.05
CA ARG B 249 29.77 -11.51 -35.13
C ARG B 249 30.90 -10.51 -35.02
N PRO B 250 30.98 -9.75 -33.94
CA PRO B 250 32.09 -8.82 -33.76
C PRO B 250 33.41 -9.55 -33.54
N ASP B 251 34.50 -8.83 -33.75
CA ASP B 251 35.81 -9.42 -33.53
C ASP B 251 36.15 -9.49 -32.05
N ILE B 252 35.74 -8.48 -31.29
CA ILE B 252 35.90 -8.47 -29.85
C ILE B 252 34.55 -8.17 -29.22
N VAL B 253 34.15 -8.94 -28.23
CA VAL B 253 32.94 -8.66 -27.49
C VAL B 253 33.34 -8.35 -26.06
N LEU B 254 32.83 -7.24 -25.55
CA LEU B 254 33.05 -6.82 -24.17
C LEU B 254 31.80 -7.10 -23.36
N LEU B 255 31.98 -7.69 -22.19
CA LEU B 255 30.88 -7.98 -21.28
C LEU B 255 31.24 -7.50 -19.88
N GLY B 256 30.20 -7.16 -19.11
CA GLY B 256 30.35 -6.69 -17.75
C GLY B 256 29.01 -6.64 -17.04
N LYS B 257 28.93 -5.81 -16.00
CA LYS B 257 27.68 -5.51 -15.26
C LYS B 257 26.86 -6.74 -14.92
N ALA B 258 25.87 -7.10 -15.73
CA ALA B 258 25.05 -8.31 -15.46
C ALA B 258 25.87 -9.59 -15.43
N LEU B 259 27.10 -9.54 -15.90
CA LEU B 259 27.93 -10.73 -15.86
C LEU B 259 28.06 -11.30 -14.45
N SER B 260 27.66 -10.56 -13.41
CA SER B 260 27.72 -11.05 -12.03
C SER B 260 26.42 -10.91 -11.25
N GLY B 261 25.35 -10.44 -11.88
CA GLY B 261 24.15 -10.22 -11.10
C GLY B 261 24.28 -9.10 -10.09
N GLY B 262 25.32 -8.26 -10.23
CA GLY B 262 25.54 -7.19 -9.28
C GLY B 262 26.20 -7.62 -7.99
N LEU B 263 26.69 -8.86 -7.91
CA LEU B 263 27.30 -9.36 -6.68
C LEU B 263 28.82 -9.16 -6.63
N TYR B 264 29.46 -8.81 -7.75
CA TYR B 264 30.92 -8.76 -7.86
C TYR B 264 31.30 -8.02 -9.14
N PRO B 265 32.34 -7.16 -9.10
CA PRO B 265 32.79 -6.52 -10.35
C PRO B 265 33.49 -7.56 -11.21
N VAL B 266 32.80 -8.02 -12.26
CA VAL B 266 33.36 -8.95 -13.24
C VAL B 266 33.07 -8.43 -14.65
N SER B 267 34.09 -8.48 -15.51
CA SER B 267 33.99 -8.07 -16.91
C SER B 267 34.83 -9.03 -17.76
N ALA B 268 34.58 -9.01 -19.08
CA ALA B 268 35.20 -9.99 -19.96
C ALA B 268 35.50 -9.39 -21.34
N VAL B 269 36.64 -9.83 -21.89
CA VAL B 269 37.04 -9.54 -23.27
C VAL B 269 37.07 -10.90 -24.01
N LEU B 270 36.13 -11.10 -24.94
CA LEU B 270 36.00 -12.32 -25.73
C LEU B 270 36.50 -12.07 -27.14
N CYS B 271 37.39 -12.95 -27.63
CA CYS B 271 37.80 -12.86 -29.03
C CYS B 271 38.58 -14.14 -29.37
N ASP B 272 38.83 -14.32 -30.65
CA ASP B 272 39.50 -15.54 -31.11
C ASP B 272 41.02 -15.42 -30.94
N ASP B 273 41.68 -16.58 -31.07
CA ASP B 273 43.13 -16.71 -30.86
C ASP B 273 43.93 -15.70 -31.68
N ASP B 274 43.45 -15.40 -32.90
CA ASP B 274 44.22 -14.55 -33.81
C ASP B 274 44.34 -13.12 -33.29
N ILE B 275 43.41 -12.66 -32.47
CA ILE B 275 43.57 -11.39 -31.76
C ILE B 275 44.14 -11.59 -30.36
N MET B 276 43.58 -12.54 -29.61
CA MET B 276 43.88 -12.66 -28.19
C MET B 276 45.37 -12.88 -27.95
N LEU B 277 46.00 -13.74 -28.77
CA LEU B 277 47.37 -14.15 -28.46
C LEU B 277 48.41 -13.14 -28.97
N THR B 278 48.01 -11.97 -29.43
CA THR B 278 48.99 -10.92 -29.61
C THR B 278 49.50 -10.40 -28.27
N ILE B 279 48.77 -10.65 -27.18
CA ILE B 279 49.27 -10.33 -25.85
C ILE B 279 49.89 -11.60 -25.28
N LYS B 280 51.11 -11.50 -24.88
CA LYS B 280 51.97 -12.57 -24.37
C LYS B 280 52.02 -12.55 -22.85
N PRO B 281 52.44 -13.64 -22.21
CA PRO B 281 52.54 -13.65 -20.75
C PRO B 281 53.37 -12.49 -20.22
N GLY B 282 52.87 -11.84 -19.17
CA GLY B 282 53.54 -10.70 -18.58
C GLY B 282 53.15 -9.34 -19.13
N GLU B 283 52.26 -9.26 -20.13
CA GLU B 283 52.03 -8.01 -20.84
C GLU B 283 50.69 -7.34 -20.55
N HIS B 284 49.82 -7.96 -19.75
CA HIS B 284 48.56 -7.32 -19.40
C HIS B 284 47.89 -8.11 -18.29
N GLY B 285 47.13 -7.40 -17.47
CA GLY B 285 46.36 -8.10 -16.49
C GLY B 285 45.90 -7.16 -15.39
N SER B 286 45.65 -7.77 -14.23
CA SER B 286 44.93 -7.19 -13.11
C SER B 286 45.06 -8.09 -11.87
N TYR B 288 42.74 -8.74 -9.39
CA TYR B 288 41.49 -9.47 -9.13
C TYR B 288 40.93 -10.14 -10.38
N GLY B 289 41.47 -9.79 -11.55
CA GLY B 289 40.96 -10.38 -12.76
C GLY B 289 41.02 -11.89 -12.74
N GLY B 290 39.85 -12.54 -12.91
CA GLY B 290 39.80 -13.99 -12.96
C GLY B 290 39.87 -14.69 -11.62
N ASN B 291 39.63 -13.99 -10.53
CA ASN B 291 39.70 -14.60 -9.23
C ASN B 291 38.57 -15.61 -9.08
N PRO B 292 38.74 -16.62 -8.20
CA PRO B 292 37.77 -17.75 -8.18
C PRO B 292 36.41 -17.37 -7.65
N LEU B 293 36.33 -16.36 -6.80
CA LEU B 293 35.04 -15.92 -6.26
C LEU B 293 34.20 -15.26 -7.35
N GLY B 294 34.79 -14.30 -8.06
CA GLY B 294 34.10 -13.66 -9.17
C GLY B 294 33.72 -14.63 -10.28
N CYS B 295 34.59 -15.62 -10.55
CA CYS B 295 34.30 -16.65 -11.56
C CYS B 295 33.10 -17.54 -11.15
N ARG B 296 33.03 -17.97 -9.89
CA ARG B 296 31.84 -18.72 -9.46
C ARG B 296 30.57 -17.88 -9.59
N VAL B 297 30.65 -16.62 -9.14
CA VAL B 297 29.50 -15.72 -9.27
C VAL B 297 29.06 -15.61 -10.72
N ALA B 298 30.01 -15.44 -11.63
CA ALA B 298 29.66 -15.17 -13.03
C ALA B 298 29.08 -16.42 -13.70
N ILE B 299 29.59 -17.61 -13.35
CA ILE B 299 28.98 -18.83 -13.87
C ILE B 299 27.51 -18.88 -13.47
N ALA B 300 27.23 -18.65 -12.18
CA ALA B 300 25.85 -18.65 -11.73
C ALA B 300 25.01 -17.58 -12.45
N ALA B 301 25.55 -16.37 -12.62
CA ALA B 301 24.77 -15.29 -13.26
C ALA B 301 24.41 -15.64 -14.70
N LEU B 302 25.35 -16.24 -15.43
CA LEU B 302 25.05 -16.64 -16.81
C LEU B 302 24.04 -17.79 -16.83
N GLU B 303 24.14 -18.70 -15.86
CA GLU B 303 23.19 -19.81 -15.82
C GLU B 303 21.78 -19.32 -15.54
N VAL B 304 21.65 -18.33 -14.64
CA VAL B 304 20.34 -17.72 -14.37
C VAL B 304 19.76 -17.15 -15.65
N LEU B 305 20.58 -16.39 -16.39
CA LEU B 305 20.06 -15.80 -17.62
C LEU B 305 19.54 -16.88 -18.57
N GLU B 306 20.28 -17.99 -18.73
CA GLU B 306 19.84 -18.96 -19.73
C GLU B 306 18.65 -19.77 -19.24
N GLU B 307 18.67 -20.23 -18.00
CA GLU B 307 17.65 -21.16 -17.55
C GLU B 307 16.32 -20.48 -17.20
N GLU B 308 16.30 -19.18 -16.94
CA GLU B 308 15.05 -18.47 -16.75
C GLU B 308 14.57 -17.77 -18.03
N ASN B 309 15.18 -18.06 -19.17
CA ASN B 309 14.74 -17.53 -20.47
C ASN B 309 14.49 -16.02 -20.40
N LEU B 310 15.48 -15.29 -19.88
CA LEU B 310 15.26 -13.88 -19.59
C LEU B 310 15.28 -13.03 -20.85
N ALA B 311 15.96 -13.50 -21.90
CA ALA B 311 15.94 -12.73 -23.15
C ALA B 311 14.54 -12.70 -23.76
N GLU B 312 13.85 -13.84 -23.79
CA GLU B 312 12.52 -13.87 -24.37
C GLU B 312 11.52 -13.07 -23.55
N ASN B 313 11.61 -13.14 -22.21
CA ASN B 313 10.77 -12.31 -21.36
C ASN B 313 11.04 -10.83 -21.59
N ALA B 314 12.32 -10.45 -21.70
CA ALA B 314 12.66 -9.05 -21.99
C ALA B 314 12.07 -8.61 -23.33
N ASP B 315 12.11 -9.49 -24.34
CA ASP B 315 11.56 -9.17 -25.66
C ASP B 315 10.04 -8.92 -25.58
N LYS B 316 9.29 -9.91 -25.07
CA LYS B 316 7.84 -9.78 -24.92
C LYS B 316 7.47 -8.53 -24.13
N LEU B 317 8.04 -8.41 -22.93
CA LEU B 317 7.63 -7.32 -22.07
C LEU B 317 8.11 -5.97 -22.59
N GLY B 318 9.25 -5.93 -23.30
CA GLY B 318 9.70 -4.67 -23.86
C GLY B 318 8.77 -4.17 -24.95
N ILE B 319 8.21 -5.11 -25.73
CA ILE B 319 7.18 -4.73 -26.70
C ILE B 319 5.99 -4.11 -25.97
N ILE B 320 5.53 -4.77 -24.90
CA ILE B 320 4.39 -4.21 -24.16
C ILE B 320 4.72 -2.83 -23.61
N LEU B 321 5.93 -2.67 -23.05
CA LEU B 321 6.32 -1.42 -22.40
C LEU B 321 6.33 -0.27 -23.41
N ARG B 322 6.98 -0.47 -24.55
CA ARG B 322 7.05 0.60 -25.53
C ARG B 322 5.67 0.93 -26.10
N ASN B 323 4.85 -0.10 -26.35
CA ASN B 323 3.49 0.17 -26.84
C ASN B 323 2.72 1.04 -25.86
N GLU B 324 2.78 0.72 -24.56
CA GLU B 324 2.03 1.49 -23.58
C GLU B 324 2.59 2.90 -23.44
N LEU B 325 3.92 3.04 -23.40
CA LEU B 325 4.52 4.36 -23.27
C LEU B 325 4.18 5.25 -24.46
N MET B 326 4.03 4.67 -25.66
CA MET B 326 3.60 5.44 -26.80
C MET B 326 2.18 5.99 -26.66
N LYS B 327 1.38 5.45 -25.74
CA LYS B 327 0.06 6.01 -25.50
C LYS B 327 0.11 7.33 -24.73
N LEU B 328 1.28 7.73 -24.23
CA LEU B 328 1.42 9.00 -23.52
C LEU B 328 1.35 10.16 -24.49
N PRO B 329 0.90 11.33 -24.04
CA PRO B 329 0.70 12.45 -24.98
C PRO B 329 2.01 12.99 -25.51
N SER B 330 2.03 13.27 -26.83
CA SER B 330 3.18 13.88 -27.48
C SER B 330 3.47 15.29 -27.00
N ASP B 331 2.51 15.97 -26.37
CA ASP B 331 2.80 17.26 -25.77
C ASP B 331 3.92 17.16 -24.74
N VAL B 332 4.01 16.03 -24.02
CA VAL B 332 4.95 15.90 -22.94
C VAL B 332 6.02 14.84 -23.20
N VAL B 333 5.70 13.77 -23.92
CA VAL B 333 6.67 12.71 -24.22
C VAL B 333 6.91 12.73 -25.74
N THR B 334 8.11 13.13 -26.12
CA THR B 334 8.41 13.38 -27.53
C THR B 334 9.00 12.18 -28.26
N ALA B 335 9.50 11.18 -27.54
CA ALA B 335 10.04 10.00 -28.19
C ALA B 335 10.01 8.84 -27.22
N VAL B 336 9.86 7.63 -27.78
CA VAL B 336 9.96 6.39 -27.05
C VAL B 336 10.86 5.46 -27.83
N ARG B 337 11.89 4.92 -27.18
CA ARG B 337 12.83 4.10 -27.93
C ARG B 337 13.40 3.01 -27.05
N GLY B 338 13.93 1.98 -27.69
CA GLY B 338 14.57 0.90 -26.95
C GLY B 338 14.39 -0.42 -27.66
N LYS B 339 15.07 -1.43 -27.12
CA LYS B 339 14.92 -2.82 -27.51
C LYS B 339 14.87 -3.62 -26.21
N GLY B 340 14.01 -4.63 -26.18
CA GLY B 340 13.89 -5.44 -24.98
C GLY B 340 13.48 -4.56 -23.82
N LEU B 341 14.14 -4.75 -22.67
CA LEU B 341 13.86 -3.96 -21.49
C LEU B 341 14.90 -2.87 -21.25
N LEU B 342 15.60 -2.43 -22.32
CA LEU B 342 16.43 -1.23 -22.30
C LEU B 342 15.66 -0.18 -23.10
N ASN B 343 15.04 0.75 -22.39
CA ASN B 343 14.18 1.74 -23.02
C ASN B 343 14.44 3.12 -22.43
N ALA B 344 14.03 4.13 -23.18
CA ALA B 344 14.09 5.49 -22.67
C ALA B 344 12.94 6.29 -23.26
N ILE B 345 12.52 7.32 -22.53
CA ILE B 345 11.61 8.31 -23.09
C ILE B 345 12.31 9.66 -23.05
N VAL B 346 11.91 10.53 -23.97
CA VAL B 346 12.34 11.91 -23.99
C VAL B 346 11.12 12.77 -23.65
N ILE B 347 11.29 13.70 -22.74
CA ILE B 347 10.21 14.58 -22.32
C ILE B 347 10.45 15.96 -22.90
N LYS B 348 9.34 16.64 -23.23
CA LYS B 348 9.45 18.02 -23.69
C LYS B 348 9.75 18.91 -22.49
N GLU B 349 11.04 19.12 -22.21
CA GLU B 349 11.42 19.89 -21.04
C GLU B 349 11.05 21.36 -21.23
N THR B 350 10.20 21.86 -20.34
CA THR B 350 9.83 23.25 -20.25
C THR B 350 10.71 23.94 -19.21
N LYS B 351 10.38 25.19 -18.90
CA LYS B 351 11.06 25.89 -17.81
C LYS B 351 10.60 25.39 -16.45
N ASP B 352 9.33 24.98 -16.34
CA ASP B 352 8.78 24.53 -15.06
C ASP B 352 9.22 23.11 -14.72
N TRP B 353 9.20 22.19 -15.69
CA TRP B 353 9.40 20.78 -15.40
C TRP B 353 10.55 20.23 -16.23
N ASP B 354 11.15 19.16 -15.74
CA ASP B 354 12.27 18.53 -16.42
C ASP B 354 12.34 17.08 -15.96
N ALA B 355 13.25 16.32 -16.57
CA ALA B 355 13.37 14.90 -16.26
C ALA B 355 13.72 14.67 -14.78
N TRP B 356 14.50 15.57 -14.18
CA TRP B 356 14.80 15.47 -12.76
C TRP B 356 13.52 15.53 -11.93
N LYS B 357 12.66 16.50 -12.22
CA LYS B 357 11.41 16.61 -11.47
C LYS B 357 10.51 15.41 -11.71
N VAL B 358 10.49 14.89 -12.94
CA VAL B 358 9.70 13.69 -13.24
C VAL B 358 10.18 12.52 -12.40
N CYS B 359 11.50 12.35 -12.29
CA CYS B 359 12.02 11.21 -11.54
C CYS B 359 11.82 11.39 -10.05
N LEU B 360 11.85 12.64 -9.55
CA LEU B 360 11.50 12.87 -8.16
C LEU B 360 10.06 12.46 -7.88
N ARG B 361 9.14 12.78 -8.79
CA ARG B 361 7.74 12.41 -8.56
C ARG B 361 7.52 10.92 -8.72
N LEU B 362 8.19 10.30 -9.69
CA LEU B 362 8.13 8.84 -9.82
C LEU B 362 8.59 8.17 -8.54
N ARG B 363 9.69 8.66 -7.97
CA ARG B 363 10.13 8.19 -6.66
C ARG B 363 9.02 8.32 -5.64
N ASP B 364 8.40 9.51 -5.56
CA ASP B 364 7.30 9.68 -4.61
C ASP B 364 6.23 8.61 -4.80
N ASN B 365 6.00 8.20 -6.06
CA ASN B 365 4.92 7.28 -6.38
C ASN B 365 5.39 5.83 -6.47
N GLY B 366 6.62 5.53 -6.04
CA GLY B 366 7.08 4.17 -5.90
C GLY B 366 7.84 3.56 -7.05
N LEU B 367 8.53 4.36 -7.86
CA LEU B 367 9.31 3.85 -8.98
C LEU B 367 10.59 4.64 -9.09
N LEU B 368 11.72 3.96 -9.27
CA LEU B 368 13.04 4.59 -9.28
C LEU B 368 13.64 4.59 -10.68
N ALA B 369 13.92 5.78 -11.20
CA ALA B 369 14.57 5.93 -12.49
C ALA B 369 15.49 7.15 -12.44
N LYS B 370 16.47 7.17 -13.34
CA LYS B 370 17.38 8.29 -13.31
C LYS B 370 17.36 8.99 -14.67
N PRO B 371 17.42 10.33 -14.69
CA PRO B 371 17.55 11.04 -15.97
C PRO B 371 18.99 11.04 -16.44
N THR B 372 19.18 11.12 -17.76
CA THR B 372 20.50 10.95 -18.36
C THR B 372 21.08 12.19 -19.00
N HIS B 373 20.24 13.15 -19.46
CA HIS B 373 20.79 14.35 -20.06
C HIS B 373 19.89 15.57 -19.84
N GLY B 374 19.03 15.57 -18.82
CA GLY B 374 18.10 16.64 -18.58
C GLY B 374 16.74 16.48 -19.23
N ASP B 375 16.62 15.62 -20.23
CA ASP B 375 15.34 15.35 -20.86
C ASP B 375 15.13 13.88 -21.18
N ILE B 376 16.05 13.01 -20.80
CA ILE B 376 15.95 11.58 -21.10
C ILE B 376 15.76 10.83 -19.79
N ILE B 377 14.73 10.00 -19.72
CA ILE B 377 14.53 9.10 -18.60
C ILE B 377 14.58 7.68 -19.13
N ARG B 378 15.45 6.86 -18.54
CA ARG B 378 15.55 5.45 -18.87
C ARG B 378 14.53 4.61 -18.09
N PHE B 379 13.92 3.65 -18.77
CA PHE B 379 13.03 2.68 -18.15
C PHE B 379 13.59 1.29 -18.42
N ALA B 380 14.18 0.69 -17.38
CA ALA B 380 14.95 -0.54 -17.55
C ALA B 380 14.86 -1.36 -16.28
N PRO B 381 13.74 -2.07 -16.08
CA PRO B 381 13.58 -2.91 -14.89
C PRO B 381 14.26 -4.25 -15.08
N PRO B 382 14.52 -4.99 -14.01
CA PRO B 382 15.17 -6.28 -14.17
C PRO B 382 14.36 -7.21 -15.06
N LEU B 383 15.09 -8.07 -15.76
CA LEU B 383 14.48 -8.97 -16.72
C LEU B 383 13.61 -10.04 -16.06
N VAL B 384 13.72 -10.24 -14.74
CA VAL B 384 12.84 -11.15 -14.01
C VAL B 384 11.46 -10.56 -13.73
N ILE B 385 11.16 -9.35 -14.23
CA ILE B 385 9.84 -8.77 -14.00
C ILE B 385 8.76 -9.58 -14.73
N LYS B 386 7.58 -9.65 -14.13
CA LYS B 386 6.41 -10.31 -14.70
C LYS B 386 5.47 -9.29 -15.35
N GLU B 387 4.52 -9.79 -16.13
CA GLU B 387 3.70 -8.86 -16.90
C GLU B 387 2.82 -7.97 -16.01
N ASP B 388 2.21 -8.53 -14.95
CA ASP B 388 1.35 -7.71 -14.12
C ASP B 388 2.14 -6.67 -13.33
N GLU B 389 3.36 -7.04 -12.88
CA GLU B 389 4.25 -6.05 -12.28
C GLU B 389 4.61 -4.95 -13.27
N LEU B 390 4.94 -5.34 -14.52
CA LEU B 390 5.22 -4.36 -15.56
C LEU B 390 4.05 -3.40 -15.76
N ARG B 391 2.83 -3.92 -15.84
CA ARG B 391 1.68 -3.06 -16.08
C ARG B 391 1.38 -2.15 -14.89
N GLU B 392 1.53 -2.65 -13.66
CA GLU B 392 1.39 -1.80 -12.48
C GLU B 392 2.38 -0.64 -12.50
N SER B 393 3.65 -0.93 -12.82
CA SER B 393 4.63 0.15 -12.88
C SER B 393 4.35 1.09 -14.04
N ILE B 394 3.84 0.57 -15.15
CA ILE B 394 3.44 1.42 -16.27
C ILE B 394 2.36 2.39 -15.83
N GLU B 395 1.41 1.91 -15.03
CA GLU B 395 0.37 2.81 -14.52
C GLU B 395 0.94 3.85 -13.58
N ILE B 396 1.99 3.48 -12.82
CA ILE B 396 2.70 4.48 -12.01
C ILE B 396 3.29 5.56 -12.91
N ILE B 397 3.97 5.14 -13.99
CA ILE B 397 4.54 6.09 -14.95
C ILE B 397 3.46 7.00 -15.52
N ASN B 398 2.33 6.42 -15.91
CA ASN B 398 1.25 7.19 -16.52
C ASN B 398 0.68 8.23 -15.55
N LYS B 399 0.38 7.80 -14.31
CA LYS B 399 -0.12 8.72 -13.31
C LYS B 399 0.88 9.84 -13.03
N THR B 400 2.17 9.49 -12.99
CA THR B 400 3.19 10.48 -12.70
C THR B 400 3.29 11.52 -13.80
N ILE B 401 3.46 11.08 -15.05
CA ILE B 401 3.62 12.03 -16.14
C ILE B 401 2.35 12.85 -16.32
N LEU B 402 1.17 12.22 -16.25
CA LEU B 402 -0.06 12.97 -16.43
C LEU B 402 -0.42 13.80 -15.21
N SER B 403 0.33 13.69 -14.11
CA SER B 403 0.07 14.55 -12.96
C SER B 403 0.63 15.95 -13.15
N PHE B 404 1.49 16.16 -14.14
CA PHE B 404 2.12 17.46 -14.34
C PHE B 404 1.23 18.40 -15.14
N PRO C 3 4.28 33.49 20.25
CA PRO C 3 2.81 33.53 20.31
C PRO C 3 2.15 32.15 20.28
N THR C 4 1.76 31.69 21.47
CA THR C 4 1.20 30.36 21.67
C THR C 4 -0.24 30.35 21.20
N SER C 5 -0.85 29.16 21.26
CA SER C 5 -2.25 29.04 20.85
C SER C 5 -3.18 29.77 21.82
N ASP C 6 -2.89 29.66 23.14
CA ASP C 6 -3.71 30.36 24.13
C ASP C 6 -3.65 31.87 23.94
N ASP C 7 -2.47 32.40 23.59
CA ASP C 7 -2.36 33.84 23.35
C ASP C 7 -3.21 34.27 22.17
N ILE C 8 -3.23 33.45 21.11
CA ILE C 8 -4.07 33.74 19.96
C ILE C 8 -5.55 33.76 20.36
N PHE C 9 -5.97 32.75 21.13
CA PHE C 9 -7.35 32.73 21.61
C PHE C 9 -7.68 34.01 22.37
N GLU C 10 -6.84 34.34 23.36
CA GLU C 10 -7.12 35.48 24.23
C GLU C 10 -7.12 36.78 23.45
N ARG C 11 -6.24 36.92 22.46
N ARG C 11 -6.22 36.92 22.47
CA ARG C 11 -6.21 38.19 21.72
CA ARG C 11 -6.16 38.15 21.66
C ARG C 11 -7.47 38.38 20.87
C ARG C 11 -7.44 38.37 20.88
N GLU C 12 -7.94 37.32 20.21
CA GLU C 12 -9.20 37.46 19.47
C GLU C 12 -10.35 37.77 20.42
N TYR C 13 -10.34 37.12 21.58
CA TYR C 13 -11.40 37.38 22.56
C TYR C 13 -11.39 38.83 23.01
N LYS C 14 -10.20 39.43 23.11
CA LYS C 14 -10.10 40.85 23.51
CA LYS C 14 -10.12 40.84 23.51
C LYS C 14 -10.56 41.77 22.38
N TYR C 15 -10.13 41.52 21.15
CA TYR C 15 -10.29 42.56 20.12
C TYR C 15 -11.26 42.25 18.98
N GLY C 16 -11.77 41.03 18.89
CA GLY C 16 -12.70 40.66 17.84
C GLY C 16 -14.08 40.37 18.39
N ALA C 17 -15.10 40.62 17.55
CA ALA C 17 -16.48 40.25 17.87
C ALA C 17 -16.56 38.78 18.28
N HIS C 18 -17.52 38.46 19.15
CA HIS C 18 -17.69 37.09 19.65
C HIS C 18 -18.77 36.34 18.87
N ASN C 19 -18.76 36.49 17.55
CA ASN C 19 -19.81 35.90 16.73
C ASN C 19 -19.52 34.44 16.38
N TYR C 20 -18.37 33.92 16.78
CA TYR C 20 -18.06 32.51 16.63
C TYR C 20 -17.49 31.97 17.94
N HIS C 21 -17.60 30.65 18.11
CA HIS C 21 -16.86 29.90 19.12
C HIS C 21 -16.12 28.80 18.37
N PRO C 22 -14.96 29.10 17.78
CA PRO C 22 -14.23 28.08 17.02
C PRO C 22 -13.71 26.97 17.92
N LEU C 23 -13.38 25.85 17.30
CA LEU C 23 -12.67 24.79 18.02
C LEU C 23 -11.31 25.31 18.50
N PRO C 24 -10.94 25.09 19.74
CA PRO C 24 -9.64 25.57 20.27
C PRO C 24 -8.42 25.01 19.57
N VAL C 25 -8.08 25.53 18.39
CA VAL C 25 -6.84 25.18 17.68
C VAL C 25 -6.48 26.38 16.83
N ALA C 26 -5.18 26.72 16.77
CA ALA C 26 -4.75 27.95 16.14
C ALA C 26 -3.82 27.64 14.97
N LEU C 27 -4.33 27.77 13.74
CA LEU C 27 -3.59 27.34 12.56
C LEU C 27 -2.68 28.45 12.02
N GLU C 28 -1.50 28.04 11.55
CA GLU C 28 -0.48 28.93 11.03
C GLU C 28 -0.08 28.63 9.58
N ARG C 29 -0.29 27.39 9.12
CA ARG C 29 0.21 26.96 7.82
C ARG C 29 -0.71 25.90 7.22
N GLY C 30 -0.91 25.97 5.92
CA GLY C 30 -1.73 24.98 5.26
C GLY C 30 -1.13 24.59 3.93
N LYS C 31 -1.15 23.31 3.62
CA LYS C 31 -0.58 22.81 2.38
C LYS C 31 -1.27 21.49 2.05
N GLY C 32 -2.04 21.45 0.96
CA GLY C 32 -2.73 20.23 0.57
C GLY C 32 -3.77 19.83 1.60
N ILE C 33 -3.66 18.60 2.13
CA ILE C 33 -4.64 18.13 3.11
C ILE C 33 -4.30 18.52 4.55
N TYR C 34 -3.19 19.21 4.78
CA TYR C 34 -2.66 19.33 6.14
C TYR C 34 -2.72 20.76 6.65
N LEU C 35 -2.94 20.88 7.97
CA LEU C 35 -2.83 22.15 8.66
C LEU C 35 -1.85 22.00 9.83
N TRP C 36 -1.12 23.08 10.11
CA TRP C 36 -0.17 23.11 11.22
C TRP C 36 -0.54 24.25 12.15
N ASP C 37 -0.52 23.99 13.45
CA ASP C 37 -0.81 25.06 14.38
C ASP C 37 0.47 25.79 14.75
N VAL C 38 0.35 26.84 15.56
CA VAL C 38 1.54 27.63 15.90
C VAL C 38 2.54 26.85 16.73
N GLU C 39 2.10 25.75 17.39
CA GLU C 39 2.99 24.83 18.08
C GLU C 39 3.70 23.84 17.15
N GLY C 40 3.41 23.88 15.86
CA GLY C 40 4.02 22.96 14.92
C GLY C 40 3.35 21.61 14.80
N ARG C 41 2.20 21.41 15.41
CA ARG C 41 1.52 20.12 15.30
C ARG C 41 0.79 20.05 13.96
N LYS C 42 0.71 18.82 13.43
CA LYS C 42 0.17 18.56 12.10
C LYS C 42 -1.21 17.92 12.20
N TYR C 43 -2.15 18.41 11.42
CA TYR C 43 -3.53 17.92 11.44
C TYR C 43 -4.04 17.61 10.04
N PHE C 44 -4.79 16.52 9.90
CA PHE C 44 -5.68 16.39 8.75
C PHE C 44 -6.79 17.42 8.83
N ASP C 45 -7.01 18.16 7.74
CA ASP C 45 -8.14 19.09 7.63
C ASP C 45 -9.30 18.28 7.06
N PHE C 46 -10.32 18.03 7.90
CA PHE C 46 -11.51 17.30 7.46
C PHE C 46 -12.73 18.21 7.37
N LEU C 47 -12.51 19.51 7.23
CA LEU C 47 -13.53 20.48 6.91
C LEU C 47 -13.30 21.19 5.58
N SER C 48 -12.03 21.43 5.19
CA SER C 48 -11.69 22.06 3.92
C SER C 48 -12.30 23.45 3.79
N SER C 49 -12.39 24.16 4.90
CA SER C 49 -12.98 25.49 4.91
C SER C 49 -14.33 25.50 4.21
N TYR C 50 -15.13 24.48 4.51
CA TYR C 50 -16.49 24.31 3.95
C TYR C 50 -16.47 24.20 2.43
N SER C 51 -15.50 23.44 1.91
CA SER C 51 -15.25 23.14 0.49
C SER C 51 -14.52 24.25 -0.24
N ALA C 52 -14.07 25.32 0.42
CA ALA C 52 -13.31 26.34 -0.28
C ALA C 52 -11.91 25.88 -0.68
N VAL C 53 -11.32 24.93 0.06
CA VAL C 53 -10.01 24.42 -0.36
C VAL C 53 -10.15 22.98 -0.84
N ASN C 54 -11.15 22.75 -1.71
CA ASN C 54 -11.29 21.48 -2.42
C ASN C 54 -9.98 21.06 -3.09
N GLN C 55 -9.26 22.03 -3.66
CA GLN C 55 -8.00 21.80 -4.36
C GLN C 55 -6.82 21.63 -3.40
N GLY C 56 -7.08 21.61 -2.09
CA GLY C 56 -6.05 21.61 -1.07
C GLY C 56 -5.58 23.02 -0.72
N HIS C 57 -5.04 23.16 0.49
CA HIS C 57 -4.54 24.47 0.94
C HIS C 57 -3.34 24.87 0.08
N CYS C 58 -3.32 26.13 -0.37
CA CYS C 58 -2.17 26.73 -1.04
C CYS C 58 -1.71 25.93 -2.26
N HIS C 59 -2.66 25.56 -3.11
CA HIS C 59 -2.31 24.83 -4.31
C HIS C 59 -1.37 25.66 -5.18
N PRO C 60 -0.22 25.11 -5.59
CA PRO C 60 0.81 25.95 -6.24
C PRO C 60 0.37 26.62 -7.54
N LYS C 61 -0.49 25.99 -8.34
CA LYS C 61 -0.93 26.64 -9.59
C LYS C 61 -1.84 27.82 -9.31
N ILE C 62 -2.74 27.69 -8.33
CA ILE C 62 -3.60 28.81 -7.98
C ILE C 62 -2.77 29.94 -7.36
N VAL C 63 -1.85 29.59 -6.46
CA VAL C 63 -0.93 30.57 -5.91
C VAL C 63 -0.16 31.30 -7.01
N ASN C 64 0.32 30.56 -8.02
CA ASN C 64 1.10 31.18 -9.09
C ASN C 64 0.25 32.14 -9.91
N ALA C 65 -1.02 31.78 -10.16
CA ALA C 65 -1.92 32.71 -10.82
C ALA C 65 -2.08 34.00 -10.02
N LEU C 66 -2.27 33.87 -8.70
CA LEU C 66 -2.41 35.06 -7.85
C LEU C 66 -1.14 35.92 -7.88
N LYS C 67 0.03 35.29 -7.74
CA LYS C 67 1.27 36.06 -7.70
C LYS C 67 1.58 36.71 -9.04
N SER C 68 1.22 36.05 -10.15
CA SER C 68 1.47 36.63 -11.46
C SER C 68 0.55 37.82 -11.69
N GLN C 69 -0.70 37.72 -11.28
CA GLN C 69 -1.64 38.79 -11.59
C GLN C 69 -1.50 39.95 -10.62
N VAL C 70 -1.04 39.70 -9.39
CA VAL C 70 -1.01 40.78 -8.42
C VAL C 70 -0.03 41.87 -8.83
N ASP C 71 0.96 41.54 -9.67
CA ASP C 71 1.93 42.53 -10.15
C ASP C 71 1.44 43.35 -11.32
N LYS C 72 0.35 42.92 -11.97
CA LYS C 72 -0.18 43.60 -13.15
C LYS C 72 -1.25 44.61 -12.78
N LEU C 73 -2.27 44.14 -12.07
CA LEU C 73 -3.55 44.83 -11.90
C LEU C 73 -4.44 44.05 -10.96
N THR C 74 -4.99 44.68 -9.92
CA THR C 74 -5.87 43.95 -9.01
C THR C 74 -7.32 44.43 -9.04
N LEU C 75 -7.56 45.70 -9.37
CA LEU C 75 -8.92 46.23 -9.33
C LEU C 75 -9.06 47.56 -10.07
N THR C 76 -9.85 47.59 -11.14
CA THR C 76 -10.24 48.84 -11.79
C THR C 76 -11.61 49.33 -11.34
N SER C 77 -12.40 48.45 -10.71
CA SER C 77 -13.86 48.59 -10.57
C SER C 77 -14.54 48.43 -11.92
N ARG C 78 -15.86 48.26 -11.94
CA ARG C 78 -16.60 48.01 -13.17
C ARG C 78 -16.99 49.28 -13.88
N ALA C 79 -16.44 50.43 -13.45
CA ALA C 79 -16.63 51.66 -14.19
C ALA C 79 -15.89 51.61 -15.51
N PHE C 80 -14.90 50.74 -15.61
CA PHE C 80 -14.13 50.50 -16.82
C PHE C 80 -14.04 48.99 -17.01
N TYR C 81 -13.41 48.58 -18.12
CA TYR C 81 -13.15 47.16 -18.39
C TYR C 81 -11.76 46.77 -17.88
N ASN C 82 -11.62 45.55 -17.38
CA ASN C 82 -10.28 45.00 -17.20
C ASN C 82 -10.08 43.84 -18.16
N ASN C 83 -8.81 43.48 -18.43
CA ASN C 83 -8.56 42.52 -19.51
C ASN C 83 -8.90 41.07 -19.15
N VAL C 84 -9.12 40.76 -17.88
CA VAL C 84 -9.19 39.38 -17.41
C VAL C 84 -10.62 38.87 -17.37
N LEU C 85 -11.54 39.73 -16.91
CA LEU C 85 -12.91 39.30 -16.63
C LEU C 85 -13.53 38.52 -17.79
N GLY C 86 -13.39 39.04 -19.02
CA GLY C 86 -14.01 38.40 -20.17
C GLY C 86 -13.49 37.00 -20.47
N GLU C 87 -12.17 36.78 -20.34
CA GLU C 87 -11.61 35.43 -20.52
C GLU C 87 -12.21 34.47 -19.51
N TYR C 88 -12.34 34.92 -18.26
CA TYR C 88 -12.93 34.10 -17.20
C TYR C 88 -14.41 33.83 -17.46
N GLU C 89 -15.16 34.86 -17.85
CA GLU C 89 -16.58 34.66 -18.16
C GLU C 89 -16.73 33.65 -19.28
N GLU C 90 -15.89 33.76 -20.33
CA GLU C 90 -15.95 32.80 -21.42
C GLU C 90 -15.68 31.38 -20.93
N TYR C 91 -14.63 31.24 -20.11
CA TYR C 91 -14.21 29.95 -19.60
C TYR C 91 -15.33 29.31 -18.78
N ILE C 92 -15.87 30.05 -17.81
CA ILE C 92 -16.77 29.40 -16.87
C ILE C 92 -18.13 29.11 -17.50
N THR C 93 -18.65 30.01 -18.35
CA THR C 93 -19.95 29.73 -18.93
C THR C 93 -19.87 28.59 -19.94
N LYS C 94 -18.77 28.49 -20.71
CA LYS C 94 -18.65 27.32 -21.57
C LYS C 94 -18.49 26.06 -20.73
N LEU C 95 -17.79 26.16 -19.61
CA LEU C 95 -17.55 24.96 -18.79
C LEU C 95 -18.86 24.40 -18.23
N PHE C 96 -19.77 25.28 -17.80
CA PHE C 96 -21.04 24.82 -17.23
C PHE C 96 -22.22 24.95 -18.19
N ASN C 97 -22.01 25.46 -19.39
CA ASN C 97 -23.01 25.43 -20.46
C ASN C 97 -24.24 26.28 -20.10
N TYR C 98 -23.98 27.50 -19.64
CA TYR C 98 -24.92 28.60 -19.51
C TYR C 98 -24.40 29.77 -20.34
N HIS C 99 -25.30 30.68 -20.72
CA HIS C 99 -24.87 31.79 -21.58
C HIS C 99 -23.98 32.77 -20.84
N LYS C 100 -24.37 33.15 -19.63
CA LYS C 100 -23.76 34.29 -19.00
C LYS C 100 -23.53 33.99 -17.53
N VAL C 101 -22.53 34.66 -16.98
CA VAL C 101 -22.25 34.62 -15.56
C VAL C 101 -22.28 36.06 -15.06
N LEU C 102 -22.82 36.23 -13.84
CA LEU C 102 -22.73 37.49 -13.11
C LEU C 102 -21.76 37.30 -11.95
N PRO C 103 -20.61 37.98 -11.95
CA PRO C 103 -19.62 37.74 -10.90
C PRO C 103 -19.89 38.53 -9.63
N MET C 104 -19.72 37.85 -8.51
CA MET C 104 -19.77 38.49 -7.19
C MET C 104 -18.61 37.95 -6.35
N ASN C 105 -18.68 38.16 -5.03
CA ASN C 105 -17.55 37.88 -4.18
C ASN C 105 -17.79 36.77 -3.17
N THR C 106 -18.88 36.83 -2.41
CA THR C 106 -19.18 35.82 -1.43
C THR C 106 -20.40 35.04 -1.88
N GLY C 107 -20.60 33.90 -1.22
CA GLY C 107 -21.75 33.07 -1.54
C GLY C 107 -23.08 33.76 -1.29
N VAL C 108 -23.18 34.52 -0.19
CA VAL C 108 -24.46 35.15 0.09
C VAL C 108 -24.76 36.23 -0.93
N GLU C 109 -23.74 36.92 -1.47
CA GLU C 109 -23.98 37.88 -2.55
C GLU C 109 -24.52 37.18 -3.79
N ALA C 110 -24.03 35.98 -4.07
CA ALA C 110 -24.59 35.25 -5.20
C ALA C 110 -26.05 34.90 -4.94
N GLY C 111 -26.38 34.49 -3.73
CA GLY C 111 -27.79 34.18 -3.42
C GLY C 111 -28.68 35.41 -3.52
N GLU C 112 -28.18 36.55 -3.02
CA GLU C 112 -28.94 37.78 -3.12
C GLU C 112 -29.17 38.11 -4.59
N THR C 113 -28.12 38.01 -5.42
CA THR C 113 -28.26 38.24 -6.86
C THR C 113 -29.29 37.32 -7.50
N ALA C 114 -29.27 36.05 -7.11
CA ALA C 114 -30.24 35.09 -7.63
C ALA C 114 -31.68 35.50 -7.32
N CYS C 115 -31.95 35.90 -6.06
CA CYS C 115 -33.30 36.36 -5.68
C CYS C 115 -33.69 37.63 -6.44
N LYS C 116 -32.74 38.55 -6.61
CA LYS C 116 -33.01 39.71 -7.45
C LYS C 116 -33.34 39.28 -8.89
N LEU C 117 -32.57 38.36 -9.46
CA LEU C 117 -32.87 37.88 -10.82
C LEU C 117 -34.26 37.29 -10.88
N ALA C 118 -34.61 36.46 -9.89
CA ALA C 118 -35.91 35.80 -9.81
C ALA C 118 -37.05 36.79 -9.73
N ARG C 119 -36.91 37.80 -8.87
CA ARG C 119 -37.97 38.80 -8.74
C ARG C 119 -38.11 39.60 -10.03
N LYS C 120 -36.99 40.08 -10.58
CA LYS C 120 -37.06 40.86 -11.82
C LYS C 120 -37.68 40.03 -12.95
N TRP C 121 -37.25 38.78 -13.08
CA TRP C 121 -37.80 37.93 -14.11
C TRP C 121 -39.26 37.66 -13.83
N GLY C 122 -39.60 37.39 -12.58
CA GLY C 122 -41.00 37.21 -12.22
C GLY C 122 -41.84 38.36 -12.73
N TYR C 123 -41.41 39.60 -12.39
CA TYR C 123 -42.21 40.77 -12.74
C TYR C 123 -42.21 41.01 -14.25
N THR C 124 -41.03 40.92 -14.89
CA THR C 124 -40.87 41.44 -16.25
C THR C 124 -41.07 40.41 -17.34
N VAL C 125 -40.94 39.12 -17.02
CA VAL C 125 -41.18 38.04 -17.97
C VAL C 125 -42.41 37.23 -17.59
N LYS C 126 -42.51 36.79 -16.32
CA LYS C 126 -43.64 35.92 -15.99
C LYS C 126 -44.94 36.72 -15.93
N GLY C 127 -44.86 37.97 -15.54
CA GLY C 127 -46.03 38.81 -15.48
C GLY C 127 -46.68 38.90 -14.11
N ILE C 128 -45.99 38.48 -13.04
CA ILE C 128 -46.47 38.73 -11.70
C ILE C 128 -46.62 40.24 -11.48
N GLN C 129 -47.68 40.63 -10.77
CA GLN C 129 -47.88 42.03 -10.40
C GLN C 129 -46.83 42.49 -9.40
N LYS C 130 -46.43 43.74 -9.50
CA LYS C 130 -45.28 44.21 -8.76
C LYS C 130 -45.47 44.07 -7.27
N TYR C 131 -44.54 43.29 -6.72
CA TYR C 131 -44.12 43.05 -5.36
C TYR C 131 -44.94 41.94 -4.72
N LYS C 132 -45.66 41.18 -5.56
CA LYS C 132 -46.28 39.92 -5.16
C LYS C 132 -45.39 38.70 -5.42
N ALA C 133 -44.21 38.86 -6.05
CA ALA C 133 -43.38 37.71 -6.37
C ALA C 133 -42.95 36.98 -5.11
N LYS C 134 -43.04 35.64 -5.15
CA LYS C 134 -42.62 34.78 -4.05
C LYS C 134 -41.41 33.94 -4.45
N ILE C 135 -40.55 33.63 -3.47
CA ILE C 135 -39.49 32.66 -3.64
C ILE C 135 -39.62 31.59 -2.55
N VAL C 136 -39.53 30.32 -2.94
CA VAL C 136 -39.71 29.21 -2.01
C VAL C 136 -38.36 28.59 -1.72
N PHE C 137 -38.16 28.25 -0.44
CA PHE C 137 -36.95 27.67 0.08
C PHE C 137 -37.30 26.42 0.87
N ALA C 138 -36.31 25.55 1.04
CA ALA C 138 -36.48 24.34 1.82
C ALA C 138 -36.02 24.59 3.26
N ALA C 139 -36.76 24.01 4.22
CA ALA C 139 -36.37 24.09 5.62
C ALA C 139 -34.98 23.49 5.81
N GLY C 140 -34.19 24.12 6.66
CA GLY C 140 -32.80 23.74 6.84
C GLY C 140 -31.85 24.38 5.85
N ASN C 141 -32.35 25.17 4.91
CA ASN C 141 -31.47 25.80 3.95
C ASN C 141 -30.55 26.79 4.64
N PHE C 142 -29.40 27.01 4.01
CA PHE C 142 -28.44 28.00 4.44
C PHE C 142 -27.81 28.64 3.21
N TRP C 143 -27.85 29.96 3.13
CA TRP C 143 -27.07 30.60 2.08
C TRP C 143 -26.42 31.90 2.56
N GLY C 144 -26.22 32.06 3.87
CA GLY C 144 -25.50 33.21 4.36
C GLY C 144 -26.29 33.95 5.42
N ARG C 145 -25.88 35.19 5.69
CA ARG C 145 -26.22 35.85 6.93
C ARG C 145 -26.73 37.29 6.75
N THR C 146 -26.97 37.72 5.52
CA THR C 146 -27.67 38.98 5.35
C THR C 146 -29.08 38.87 5.93
N LEU C 147 -29.72 40.03 6.08
CA LEU C 147 -31.09 40.09 6.56
C LEU C 147 -32.02 39.29 5.67
N SER C 148 -31.81 39.36 4.36
CA SER C 148 -32.60 38.52 3.47
C SER C 148 -32.34 37.03 3.73
N ALA C 149 -31.06 36.64 3.80
CA ALA C 149 -30.74 35.22 3.91
C ALA C 149 -31.24 34.62 5.23
N ILE C 150 -31.15 35.35 6.34
CA ILE C 150 -31.74 34.83 7.56
C ILE C 150 -33.28 34.90 7.53
N SER C 151 -33.87 35.77 6.70
CA SER C 151 -35.33 35.75 6.52
C SER C 151 -35.84 34.45 5.86
N SER C 152 -35.00 33.74 5.11
CA SER C 152 -35.45 32.42 4.62
C SER C 152 -35.03 31.24 5.51
N SER C 153 -34.40 31.48 6.66
CA SER C 153 -33.87 30.38 7.42
C SER C 153 -34.93 29.79 8.34
N THR C 154 -34.82 28.49 8.61
CA THR C 154 -35.62 27.89 9.68
C THR C 154 -34.78 27.66 10.94
N ASP C 155 -33.55 28.17 10.96
CA ASP C 155 -32.70 28.04 12.14
C ASP C 155 -32.88 29.27 13.03
N PRO C 156 -33.48 29.13 14.23
CA PRO C 156 -33.73 30.31 15.09
C PRO C 156 -32.49 31.09 15.50
N THR C 157 -31.32 30.46 15.59
CA THR C 157 -30.10 31.21 15.92
C THR C 157 -29.72 32.17 14.80
N SER C 158 -30.18 31.90 13.57
CA SER C 158 -29.87 32.81 12.46
C SER C 158 -30.73 34.07 12.47
N TYR C 159 -32.03 33.95 12.76
CA TYR C 159 -32.90 35.10 12.58
C TYR C 159 -33.46 35.69 13.88
N ASP C 160 -33.51 34.94 14.98
CA ASP C 160 -34.15 35.46 16.19
C ASP C 160 -33.47 36.74 16.68
N GLY C 161 -34.28 37.76 16.97
CA GLY C 161 -33.72 39.01 17.39
C GLY C 161 -33.14 39.87 16.28
N PHE C 162 -33.33 39.48 15.01
CA PHE C 162 -32.83 40.26 13.87
C PHE C 162 -33.94 40.80 12.96
N GLY C 163 -35.21 40.65 13.30
CA GLY C 163 -36.28 41.10 12.43
C GLY C 163 -36.48 42.60 12.48
N PRO C 164 -37.49 43.10 11.72
CA PRO C 164 -38.47 42.38 10.88
C PRO C 164 -37.84 41.80 9.62
N PHE C 165 -38.52 40.87 8.98
CA PHE C 165 -37.87 40.03 7.98
C PHE C 165 -38.34 40.36 6.58
N MET C 166 -37.57 39.91 5.61
CA MET C 166 -37.91 40.16 4.21
C MET C 166 -39.18 39.41 3.87
N PRO C 167 -40.21 40.09 3.37
CA PRO C 167 -41.40 39.39 2.87
C PRO C 167 -41.15 38.76 1.51
N GLY C 168 -42.06 37.86 1.13
CA GLY C 168 -42.03 37.19 -0.15
C GLY C 168 -41.31 35.87 -0.14
N PHE C 169 -40.95 35.36 1.03
CA PHE C 169 -40.20 34.14 1.19
C PHE C 169 -41.09 33.09 1.87
N ASP C 170 -41.25 31.96 1.20
CA ASP C 170 -42.03 30.84 1.71
C ASP C 170 -41.12 29.65 1.90
N ILE C 171 -41.44 28.80 2.87
CA ILE C 171 -40.59 27.68 3.24
C ILE C 171 -41.43 26.41 3.26
N ILE C 172 -40.90 25.34 2.65
CA ILE C 172 -41.52 24.01 2.61
C ILE C 172 -40.49 23.00 3.10
N PRO C 173 -40.89 21.78 3.44
CA PRO C 173 -39.90 20.77 3.82
C PRO C 173 -38.92 20.46 2.68
N TYR C 174 -37.70 20.14 3.06
CA TYR C 174 -36.72 19.63 2.12
C TYR C 174 -37.13 18.25 1.67
N ASN C 175 -36.67 17.86 0.47
CA ASN C 175 -36.74 16.44 0.08
C ASN C 175 -38.18 15.97 0.02
N ASP C 176 -39.05 16.83 -0.51
CA ASP C 176 -40.50 16.62 -0.41
C ASP C 176 -41.15 17.15 -1.70
N LEU C 177 -41.38 16.22 -2.67
CA LEU C 177 -41.95 16.61 -3.95
C LEU C 177 -43.42 17.02 -3.83
N PRO C 178 -44.29 16.31 -3.08
CA PRO C 178 -45.66 16.83 -2.86
C PRO C 178 -45.76 18.21 -2.24
N ALA C 179 -44.88 18.55 -1.29
CA ALA C 179 -44.89 19.89 -0.72
C ALA C 179 -44.52 20.93 -1.77
N LEU C 180 -43.53 20.63 -2.60
CA LEU C 180 -43.17 21.57 -3.66
C LEU C 180 -44.31 21.75 -4.66
N GLU C 181 -44.91 20.64 -5.11
CA GLU C 181 -46.04 20.76 -6.03
C GLU C 181 -47.14 21.62 -5.42
N ARG C 182 -47.49 21.35 -4.16
CA ARG C 182 -48.53 22.14 -3.50
C ARG C 182 -48.14 23.62 -3.46
N ALA C 183 -46.90 23.93 -3.10
CA ALA C 183 -46.48 25.34 -3.01
C ALA C 183 -46.55 26.02 -4.37
N LEU C 184 -46.22 25.29 -5.44
CA LEU C 184 -46.19 25.87 -6.77
C LEU C 184 -47.57 25.99 -7.37
N GLN C 185 -48.63 25.57 -6.67
CA GLN C 185 -49.93 26.01 -7.21
C GLN C 185 -50.14 27.54 -7.15
N ASP C 186 -49.33 28.28 -6.37
CA ASP C 186 -49.44 29.74 -6.32
C ASP C 186 -48.80 30.39 -7.54
N PRO C 187 -49.56 31.04 -8.42
CA PRO C 187 -48.96 31.62 -9.64
C PRO C 187 -47.98 32.78 -9.38
N ASN C 188 -47.95 33.37 -8.17
CA ASN C 188 -47.04 34.46 -7.83
C ASN C 188 -45.67 33.97 -7.37
N VAL C 189 -45.43 32.66 -7.41
CA VAL C 189 -44.13 32.12 -7.09
C VAL C 189 -43.24 32.31 -8.30
N ALA C 190 -42.11 32.97 -8.10
CA ALA C 190 -41.18 33.18 -9.21
C ALA C 190 -40.06 32.14 -9.25
N ALA C 191 -39.65 31.57 -8.11
CA ALA C 191 -38.45 30.73 -8.04
C ALA C 191 -38.51 29.86 -6.79
N PHE C 192 -37.83 28.71 -6.89
CA PHE C 192 -37.52 27.81 -5.79
C PHE C 192 -36.00 27.67 -5.76
N MET C 193 -35.41 28.04 -4.63
CA MET C 193 -33.99 27.92 -4.40
C MET C 193 -33.73 26.73 -3.47
N VAL C 194 -32.81 25.84 -3.85
CA VAL C 194 -32.63 24.64 -3.06
C VAL C 194 -31.19 24.16 -3.15
N GLU C 195 -30.72 23.56 -2.05
CA GLU C 195 -29.41 22.92 -2.12
C GLU C 195 -29.55 21.48 -2.57
N PRO C 196 -28.73 21.01 -3.53
CA PRO C 196 -28.83 19.59 -3.95
C PRO C 196 -28.49 18.62 -2.84
N ILE C 197 -27.57 19.02 -1.97
CA ILE C 197 -27.37 18.42 -0.65
C ILE C 197 -27.20 19.58 0.32
N GLN C 198 -27.87 19.50 1.47
CA GLN C 198 -27.84 20.60 2.44
C GLN C 198 -26.61 20.43 3.31
N GLY C 199 -25.65 21.33 3.18
CA GLY C 199 -24.41 21.21 3.94
C GLY C 199 -24.56 21.62 5.39
N GLU C 200 -24.94 22.88 5.63
CA GLU C 200 -24.93 23.36 7.00
C GLU C 200 -26.05 22.73 7.83
N ALA C 201 -27.08 22.16 7.19
CA ALA C 201 -28.09 21.40 7.91
C ALA C 201 -27.57 20.08 8.45
N GLY C 202 -26.40 19.62 8.02
CA GLY C 202 -25.82 18.38 8.49
C GLY C 202 -25.64 17.34 7.39
N VAL C 203 -25.25 17.81 6.20
CA VAL C 203 -25.07 16.96 5.02
C VAL C 203 -26.33 16.14 4.81
N VAL C 204 -27.45 16.82 4.60
CA VAL C 204 -28.75 16.17 4.44
C VAL C 204 -28.89 15.84 2.95
N VAL C 205 -28.88 14.56 2.63
CA VAL C 205 -28.95 14.08 1.26
C VAL C 205 -30.40 13.73 0.93
N PRO C 206 -30.99 14.33 -0.10
CA PRO C 206 -32.37 14.00 -0.46
C PRO C 206 -32.46 12.65 -1.15
N ASP C 207 -33.69 12.18 -1.31
CA ASP C 207 -33.90 10.85 -1.87
C ASP C 207 -33.60 10.86 -3.37
N PRO C 208 -33.15 9.73 -3.94
CA PRO C 208 -33.03 9.63 -5.40
C PRO C 208 -34.32 10.04 -6.10
N GLY C 209 -34.18 10.86 -7.13
CA GLY C 209 -35.31 11.38 -7.87
C GLY C 209 -35.80 12.73 -7.42
N TYR C 210 -35.38 13.22 -6.25
CA TYR C 210 -35.86 14.51 -5.74
C TYR C 210 -35.51 15.64 -6.69
N LEU C 211 -34.26 15.68 -7.17
CA LEU C 211 -33.87 16.76 -8.09
C LEU C 211 -34.56 16.66 -9.44
N MET C 212 -34.73 15.44 -9.96
CA MET C 212 -35.54 15.26 -11.17
C MET C 212 -36.94 15.80 -10.96
N GLY C 213 -37.52 15.52 -9.79
CA GLY C 213 -38.85 16.01 -9.49
C GLY C 213 -38.91 17.52 -9.33
N VAL C 214 -37.86 18.10 -8.74
CA VAL C 214 -37.83 19.56 -8.61
C VAL C 214 -37.81 20.18 -9.99
N ARG C 215 -36.95 19.64 -10.86
CA ARG C 215 -36.84 20.16 -12.22
C ARG C 215 -38.18 20.07 -12.95
N GLU C 216 -38.83 18.91 -12.90
CA GLU C 216 -40.10 18.78 -13.62
C GLU C 216 -41.16 19.74 -13.07
N LEU C 217 -41.30 19.83 -11.74
CA LEU C 217 -42.33 20.69 -11.15
C LEU C 217 -42.08 22.17 -11.42
N CYS C 218 -40.81 22.61 -11.39
CA CYS C 218 -40.50 24.01 -11.72
C CYS C 218 -40.77 24.31 -13.19
N THR C 219 -40.42 23.38 -14.11
CA THR C 219 -40.73 23.61 -15.51
C THR C 219 -42.24 23.65 -15.75
N ARG C 220 -42.97 22.68 -15.16
CA ARG C 220 -44.42 22.57 -15.34
C ARG C 220 -45.17 23.83 -14.94
N HIS C 221 -44.68 24.50 -13.88
CA HIS C 221 -45.38 25.64 -13.29
C HIS C 221 -44.67 26.96 -13.60
N GLN C 222 -43.74 26.96 -14.56
CA GLN C 222 -43.00 28.13 -14.98
C GLN C 222 -42.44 28.89 -13.75
N VAL C 223 -41.66 28.17 -12.95
CA VAL C 223 -40.95 28.70 -11.81
C VAL C 223 -39.45 28.42 -12.01
N LEU C 224 -38.60 29.41 -11.71
CA LEU C 224 -37.15 29.22 -11.83
C LEU C 224 -36.64 28.32 -10.71
N PHE C 225 -35.86 27.34 -11.13
CA PHE C 225 -35.21 26.38 -10.28
C PHE C 225 -33.82 26.94 -9.98
N ILE C 226 -33.60 27.42 -8.74
CA ILE C 226 -32.29 27.97 -8.37
C ILE C 226 -31.56 26.91 -7.58
N ALA C 227 -30.42 26.45 -8.10
CA ALA C 227 -29.62 25.42 -7.42
C ALA C 227 -28.44 26.08 -6.75
N ASP C 228 -28.34 25.95 -5.43
CA ASP C 228 -27.27 26.57 -4.66
C ASP C 228 -26.18 25.54 -4.51
N GLU C 229 -25.18 25.58 -5.40
CA GLU C 229 -24.08 24.64 -5.36
C GLU C 229 -22.80 25.30 -4.86
N ILE C 230 -22.94 26.32 -4.00
CA ILE C 230 -21.79 27.05 -3.52
C ILE C 230 -20.90 26.16 -2.66
N GLN C 231 -21.50 25.27 -1.87
CA GLN C 231 -20.77 24.27 -1.09
C GLN C 231 -20.64 22.90 -1.77
N THR C 232 -21.69 22.47 -2.48
CA THR C 232 -21.72 21.13 -3.07
C THR C 232 -21.02 21.04 -4.42
N GLY C 233 -20.85 22.17 -5.12
CA GLY C 233 -20.31 22.15 -6.46
C GLY C 233 -18.81 21.98 -6.50
N LEU C 234 -18.30 21.99 -7.72
CA LEU C 234 -16.86 22.03 -7.98
C LEU C 234 -16.15 20.80 -7.42
N ALA C 235 -16.70 19.62 -7.72
CA ALA C 235 -16.15 18.27 -7.53
C ALA C 235 -16.27 17.71 -6.11
N ARG C 236 -16.77 18.47 -5.13
CA ARG C 236 -16.83 17.98 -3.75
C ARG C 236 -17.67 16.70 -3.62
N THR C 237 -18.79 16.60 -4.30
CA THR C 237 -19.65 15.42 -4.15
C THR C 237 -19.36 14.31 -5.16
N GLY C 238 -18.31 14.44 -5.97
CA GLY C 238 -17.97 13.44 -6.98
C GLY C 238 -18.49 13.73 -8.38
N ARG C 239 -19.11 14.88 -8.61
CA ARG C 239 -19.49 15.36 -9.93
C ARG C 239 -19.18 16.85 -10.01
N TRP C 240 -19.06 17.38 -11.24
CA TRP C 240 -18.81 18.81 -11.41
C TRP C 240 -19.86 19.63 -10.65
N LEU C 241 -21.13 19.20 -10.69
CA LEU C 241 -22.17 19.79 -9.89
C LEU C 241 -22.93 18.64 -9.24
N ALA C 242 -23.39 18.85 -8.00
CA ALA C 242 -24.11 17.78 -7.36
C ALA C 242 -25.36 17.40 -8.14
N VAL C 243 -26.00 18.36 -8.81
CA VAL C 243 -27.19 18.04 -9.60
C VAL C 243 -26.86 17.11 -10.76
N ASP C 244 -25.60 16.95 -11.14
CA ASP C 244 -25.29 16.06 -12.26
C ASP C 244 -25.62 14.61 -11.95
N TYR C 245 -25.67 14.24 -10.66
CA TYR C 245 -26.05 12.88 -10.31
C TYR C 245 -27.45 12.54 -10.83
N GLU C 246 -28.32 13.55 -11.00
CA GLU C 246 -29.65 13.32 -11.54
C GLU C 246 -29.82 13.92 -12.92
N ASN C 247 -28.73 14.41 -13.53
CA ASN C 247 -28.77 14.99 -14.88
C ASN C 247 -29.90 16.00 -15.04
N VAL C 248 -29.95 16.95 -14.14
CA VAL C 248 -30.91 18.03 -14.24
C VAL C 248 -30.14 19.31 -14.44
N ARG C 249 -30.75 20.23 -15.21
CA ARG C 249 -30.17 21.53 -15.50
C ARG C 249 -31.00 22.58 -14.77
N PRO C 250 -30.51 23.15 -13.68
CA PRO C 250 -31.21 24.26 -13.03
C PRO C 250 -31.24 25.50 -13.91
N ASP C 251 -32.17 26.40 -13.61
CA ASP C 251 -32.25 27.64 -14.36
C ASP C 251 -31.19 28.62 -13.93
N ILE C 252 -30.85 28.60 -12.62
CA ILE C 252 -29.77 29.40 -12.08
C ILE C 252 -28.88 28.50 -11.24
N VAL C 253 -27.57 28.57 -11.46
CA VAL C 253 -26.59 27.81 -10.67
C VAL C 253 -25.71 28.81 -9.94
N LEU C 254 -25.52 28.60 -8.63
CA LEU C 254 -24.68 29.43 -7.79
C LEU C 254 -23.40 28.67 -7.48
N LEU C 255 -22.26 29.35 -7.60
CA LEU C 255 -20.95 28.81 -7.28
C LEU C 255 -20.22 29.80 -6.39
N GLY C 256 -19.34 29.26 -5.56
CA GLY C 256 -18.50 30.09 -4.70
C GLY C 256 -17.43 29.21 -4.11
N LYS C 257 -16.89 29.63 -2.97
CA LYS C 257 -16.04 28.81 -2.14
C LYS C 257 -14.83 28.27 -2.87
N ALA C 258 -14.91 26.99 -3.26
CA ALA C 258 -13.86 26.36 -4.06
C ALA C 258 -13.62 27.03 -5.40
N LEU C 259 -14.51 27.94 -5.82
CA LEU C 259 -14.27 28.67 -7.06
C LEU C 259 -12.92 29.40 -7.09
N SER C 260 -12.22 29.51 -5.94
CA SER C 260 -10.95 30.22 -5.90
C SER C 260 -9.87 29.42 -5.20
N GLY C 261 -10.13 28.18 -4.82
CA GLY C 261 -9.21 27.44 -4.01
C GLY C 261 -8.99 27.98 -2.62
N GLY C 262 -9.87 28.88 -2.15
CA GLY C 262 -9.65 29.55 -0.87
C GLY C 262 -8.69 30.72 -0.91
N LEU C 263 -8.27 31.18 -2.10
CA LEU C 263 -7.29 32.26 -2.20
C LEU C 263 -7.89 33.65 -2.31
N TYR C 264 -9.19 33.76 -2.55
CA TYR C 264 -9.83 35.04 -2.86
C TYR C 264 -11.33 34.79 -2.79
N PRO C 265 -12.10 35.71 -2.26
CA PRO C 265 -13.56 35.49 -2.25
C PRO C 265 -14.11 35.66 -3.65
N VAL C 266 -14.46 34.59 -4.34
CA VAL C 266 -15.07 34.70 -5.66
C VAL C 266 -16.34 33.85 -5.67
N SER C 267 -17.44 34.40 -6.20
CA SER C 267 -18.68 33.64 -6.34
C SER C 267 -19.30 33.93 -7.71
N ALA C 268 -20.26 33.09 -8.13
CA ALA C 268 -20.73 33.21 -9.49
C ALA C 268 -22.22 32.85 -9.59
N VAL C 269 -22.93 33.60 -10.43
CA VAL C 269 -24.33 33.33 -10.78
C VAL C 269 -24.36 32.98 -12.27
N LEU C 270 -24.67 31.72 -12.59
CA LEU C 270 -24.79 31.25 -13.96
C LEU C 270 -26.26 31.10 -14.37
N CYS C 271 -26.62 31.64 -15.53
CA CYS C 271 -27.94 31.42 -16.11
C CYS C 271 -27.93 31.93 -17.55
N ASP C 272 -28.98 31.57 -18.30
CA ASP C 272 -29.07 31.91 -19.71
C ASP C 272 -29.60 33.34 -19.87
N ASP C 273 -29.44 33.86 -21.10
CA ASP C 273 -29.82 35.25 -21.40
C ASP C 273 -31.26 35.56 -20.99
N ASP C 274 -32.18 34.60 -21.15
CA ASP C 274 -33.58 34.89 -20.89
C ASP C 274 -33.82 35.22 -19.41
N ILE C 275 -32.95 34.76 -18.53
CA ILE C 275 -32.97 35.23 -17.14
C ILE C 275 -31.98 36.37 -16.91
N MET C 276 -30.73 36.22 -17.40
CA MET C 276 -29.66 37.12 -17.00
C MET C 276 -30.00 38.55 -17.35
N LEU C 277 -30.57 38.76 -18.55
CA LEU C 277 -30.72 40.10 -19.09
C LEU C 277 -32.00 40.78 -18.60
N THR C 278 -32.69 40.22 -17.61
CA THR C 278 -33.71 41.00 -16.92
C THR C 278 -33.11 42.10 -16.06
N ILE C 279 -31.81 42.00 -15.76
CA ILE C 279 -31.10 43.07 -15.06
C ILE C 279 -30.31 43.84 -16.10
N LYS C 280 -30.52 45.12 -16.13
CA LYS C 280 -30.00 46.09 -17.07
C LYS C 280 -28.80 46.82 -16.47
N PRO C 281 -28.02 47.49 -17.30
CA PRO C 281 -26.89 48.25 -16.78
C PRO C 281 -27.32 49.24 -15.71
N GLY C 282 -26.56 49.26 -14.61
CA GLY C 282 -26.80 50.15 -13.50
C GLY C 282 -27.69 49.61 -12.42
N GLU C 283 -28.25 48.41 -12.58
CA GLU C 283 -29.28 47.93 -11.68
C GLU C 283 -28.76 46.87 -10.72
N HIS C 284 -27.49 46.49 -10.79
CA HIS C 284 -26.96 45.53 -9.81
C HIS C 284 -25.45 45.42 -9.91
N GLY C 285 -24.82 45.14 -8.78
CA GLY C 285 -23.40 44.89 -8.87
C GLY C 285 -22.74 44.94 -7.50
N SER C 286 -21.45 45.25 -7.55
CA SER C 286 -20.55 45.12 -6.42
C SER C 286 -19.20 45.75 -6.76
N TYR C 288 -15.86 44.74 -6.00
CA TYR C 288 -14.82 43.75 -6.24
C TYR C 288 -15.27 42.66 -7.20
N GLY C 289 -16.56 42.61 -7.46
CA GLY C 289 -17.10 41.61 -8.36
C GLY C 289 -16.44 41.65 -9.73
N GLY C 290 -15.92 40.51 -10.19
CA GLY C 290 -15.33 40.47 -11.51
C GLY C 290 -13.96 41.10 -11.63
N ASN C 291 -13.27 41.36 -10.52
CA ASN C 291 -11.96 42.01 -10.58
C ASN C 291 -10.92 41.04 -11.17
N PRO C 292 -9.85 41.57 -11.78
CA PRO C 292 -8.94 40.69 -12.54
C PRO C 292 -8.14 39.72 -11.69
N LEU C 293 -7.89 40.05 -10.43
CA LEU C 293 -7.14 39.15 -9.56
C LEU C 293 -7.98 37.93 -9.21
N GLY C 294 -9.20 38.17 -8.74
CA GLY C 294 -10.07 37.05 -8.43
C GLY C 294 -10.33 36.18 -9.64
N CYS C 295 -10.45 36.80 -10.83
CA CYS C 295 -10.72 36.03 -12.05
C CYS C 295 -9.53 35.13 -12.43
N ARG C 296 -8.29 35.66 -12.34
CA ARG C 296 -7.11 34.82 -12.57
C ARG C 296 -7.08 33.64 -11.60
N VAL C 297 -7.31 33.93 -10.31
CA VAL C 297 -7.35 32.87 -9.30
C VAL C 297 -8.39 31.82 -9.65
N ALA C 298 -9.60 32.24 -10.04
CA ALA C 298 -10.69 31.28 -10.26
C ALA C 298 -10.47 30.46 -11.53
N ILE C 299 -9.90 31.07 -12.57
CA ILE C 299 -9.56 30.27 -13.74
C ILE C 299 -8.63 29.14 -13.34
N ALA C 300 -7.57 29.48 -12.59
CA ALA C 300 -6.63 28.47 -12.13
C ALA C 300 -7.32 27.41 -11.26
N ALA C 301 -8.21 27.84 -10.37
CA ALA C 301 -8.90 26.90 -9.48
C ALA C 301 -9.74 25.90 -10.28
N LEU C 302 -10.42 26.39 -11.32
CA LEU C 302 -11.21 25.49 -12.16
C LEU C 302 -10.30 24.55 -12.95
N GLU C 303 -9.18 25.06 -13.44
CA GLU C 303 -8.27 24.20 -14.20
C GLU C 303 -7.69 23.10 -13.31
N VAL C 304 -7.38 23.42 -12.05
CA VAL C 304 -6.93 22.41 -11.10
C VAL C 304 -7.97 21.31 -10.97
N LEU C 305 -9.24 21.70 -10.76
CA LEU C 305 -10.30 20.68 -10.63
C LEU C 305 -10.38 19.79 -11.86
N GLU C 306 -10.31 20.37 -13.06
CA GLU C 306 -10.49 19.50 -14.22
C GLU C 306 -9.23 18.66 -14.50
N GLU C 307 -8.04 19.26 -14.37
CA GLU C 307 -6.80 18.60 -14.78
C GLU C 307 -6.31 17.54 -13.80
N GLU C 308 -6.69 17.62 -12.52
CA GLU C 308 -6.34 16.60 -11.54
C GLU C 308 -7.48 15.59 -11.30
N ASN C 309 -8.52 15.62 -12.12
CA ASN C 309 -9.63 14.67 -12.06
C ASN C 309 -10.17 14.49 -10.64
N LEU C 310 -10.50 15.64 -10.01
CA LEU C 310 -10.84 15.65 -8.60
C LEU C 310 -12.25 15.13 -8.34
N ALA C 311 -13.16 15.26 -9.29
CA ALA C 311 -14.50 14.70 -9.06
C ALA C 311 -14.45 13.17 -8.97
N GLU C 312 -13.69 12.52 -9.86
CA GLU C 312 -13.59 11.07 -9.81
C GLU C 312 -12.87 10.58 -8.55
N ASN C 313 -11.83 11.30 -8.13
CA ASN C 313 -11.17 10.95 -6.87
C ASN C 313 -12.11 11.10 -5.69
N ALA C 314 -12.89 12.19 -5.65
CA ALA C 314 -13.88 12.39 -4.59
C ALA C 314 -14.90 11.26 -4.58
N ASP C 315 -15.33 10.82 -5.77
CA ASP C 315 -16.30 9.74 -5.88
C ASP C 315 -15.75 8.46 -5.25
N LYS C 316 -14.63 7.99 -5.79
CA LYS C 316 -13.99 6.76 -5.31
C LYS C 316 -13.72 6.80 -3.80
N LEU C 317 -13.09 7.88 -3.35
CA LEU C 317 -12.68 7.92 -1.95
C LEU C 317 -13.89 8.12 -1.03
N GLY C 318 -14.94 8.78 -1.52
CA GLY C 318 -16.13 8.95 -0.70
C GLY C 318 -16.81 7.63 -0.46
N ILE C 319 -16.80 6.76 -1.48
CA ILE C 319 -17.29 5.40 -1.26
C ILE C 319 -16.50 4.73 -0.14
N ILE C 320 -15.17 4.81 -0.21
CA ILE C 320 -14.36 4.16 0.83
C ILE C 320 -14.67 4.77 2.22
N LEU C 321 -14.77 6.10 2.29
CA LEU C 321 -14.98 6.76 3.58
C LEU C 321 -16.29 6.32 4.21
N ARG C 322 -17.39 6.36 3.44
CA ARG C 322 -18.69 5.98 4.00
C ARG C 322 -18.73 4.51 4.39
N ASN C 323 -18.14 3.61 3.59
CA ASN C 323 -18.13 2.20 3.99
C ASN C 323 -17.41 2.01 5.33
N GLU C 324 -16.24 2.63 5.48
CA GLU C 324 -15.49 2.46 6.70
C GLU C 324 -16.22 3.06 7.89
N LEU C 325 -16.80 4.25 7.74
CA LEU C 325 -17.54 4.86 8.83
C LEU C 325 -18.76 4.02 9.22
N MET C 326 -19.40 3.38 8.23
CA MET C 326 -20.49 2.47 8.54
C MET C 326 -20.03 1.26 9.32
N LYS C 327 -18.74 0.93 9.29
CA LYS C 327 -18.30 -0.15 10.18
C LYS C 327 -18.31 0.25 11.66
N LEU C 328 -18.54 1.52 12.01
CA LEU C 328 -18.61 1.93 13.40
C LEU C 328 -19.90 1.43 14.06
N PRO C 329 -19.89 1.21 15.38
CA PRO C 329 -21.06 0.62 16.02
C PRO C 329 -22.28 1.55 16.01
N SER C 330 -23.44 0.95 15.74
CA SER C 330 -24.70 1.68 15.77
C SER C 330 -25.04 2.18 17.17
N ASP C 331 -24.43 1.61 18.20
CA ASP C 331 -24.64 2.14 19.55
C ASP C 331 -24.23 3.60 19.67
N VAL C 332 -23.20 4.02 18.94
CA VAL C 332 -22.64 5.38 19.10
C VAL C 332 -22.79 6.23 17.85
N VAL C 333 -22.75 5.62 16.67
CA VAL C 333 -22.91 6.33 15.41
C VAL C 333 -24.20 5.83 14.78
N THR C 334 -25.23 6.68 14.77
CA THR C 334 -26.57 6.27 14.37
C THR C 334 -26.84 6.49 12.89
N ALA C 335 -26.02 7.26 12.20
CA ALA C 335 -26.17 7.46 10.76
C ALA C 335 -24.85 7.88 10.14
N VAL C 336 -24.68 7.48 8.87
CA VAL C 336 -23.59 7.92 8.02
C VAL C 336 -24.21 8.32 6.68
N ARG C 337 -23.89 9.51 6.21
CA ARG C 337 -24.53 9.99 4.99
C ARG C 337 -23.56 10.88 4.24
N GLY C 338 -23.84 11.06 2.95
CA GLY C 338 -23.02 11.91 2.12
C GLY C 338 -22.93 11.41 0.69
N LYS C 339 -22.32 12.26 -0.15
CA LYS C 339 -21.95 11.94 -1.53
C LYS C 339 -20.53 12.45 -1.76
N GLY C 340 -19.73 11.68 -2.50
CA GLY C 340 -18.36 12.11 -2.76
C GLY C 340 -17.61 12.29 -1.45
N LEU C 341 -16.94 13.43 -1.30
CA LEU C 341 -16.21 13.71 -0.08
C LEU C 341 -16.91 14.72 0.82
N LEU C 342 -18.23 14.87 0.68
CA LEU C 342 -19.08 15.63 1.61
C LEU C 342 -19.88 14.60 2.41
N ASN C 343 -19.47 14.37 3.66
CA ASN C 343 -20.05 13.35 4.49
C ASN C 343 -20.25 13.85 5.92
N ALA C 344 -21.14 13.18 6.65
CA ALA C 344 -21.31 13.45 8.05
C ALA C 344 -21.72 12.17 8.75
N ILE C 345 -21.40 12.11 10.03
CA ILE C 345 -21.91 11.06 10.90
C ILE C 345 -22.78 11.73 11.96
N VAL C 346 -23.74 10.97 12.47
CA VAL C 346 -24.53 11.39 13.61
C VAL C 346 -24.16 10.47 14.77
N ILE C 347 -23.91 11.07 15.93
CA ILE C 347 -23.51 10.31 17.12
C ILE C 347 -24.68 10.28 18.08
N LYS C 348 -24.80 9.17 18.83
CA LYS C 348 -25.83 9.10 19.84
C LYS C 348 -25.40 9.96 21.03
N GLU C 349 -25.79 11.22 21.02
CA GLU C 349 -25.38 12.14 22.09
C GLU C 349 -26.07 11.77 23.40
N THR C 350 -25.28 11.48 24.41
CA THR C 350 -25.80 11.30 25.76
C THR C 350 -25.62 12.62 26.52
N LYS C 351 -25.72 12.58 27.85
CA LYS C 351 -25.30 13.71 28.66
C LYS C 351 -23.79 13.85 28.65
N ASP C 352 -23.07 12.74 28.89
CA ASP C 352 -21.63 12.78 29.10
C ASP C 352 -20.87 13.23 27.84
N TRP C 353 -21.28 12.73 26.67
CA TRP C 353 -20.49 13.00 25.48
C TRP C 353 -21.36 13.65 24.41
N ASP C 354 -20.71 14.40 23.51
CA ASP C 354 -21.41 15.08 22.44
C ASP C 354 -20.42 15.32 21.30
N ALA C 355 -20.93 15.85 20.20
CA ALA C 355 -20.08 16.04 19.01
C ALA C 355 -18.93 17.00 19.27
N TRP C 356 -19.13 17.99 20.16
CA TRP C 356 -18.04 18.90 20.51
C TRP C 356 -16.88 18.16 21.17
N LYS C 357 -17.17 17.33 22.17
CA LYS C 357 -16.09 16.59 22.84
C LYS C 357 -15.41 15.65 21.85
N VAL C 358 -16.19 15.04 20.95
CA VAL C 358 -15.61 14.18 19.93
C VAL C 358 -14.64 14.97 19.06
N CYS C 359 -15.01 16.20 18.70
CA CYS C 359 -14.15 16.99 17.83
C CYS C 359 -12.91 17.49 18.57
N LEU C 360 -13.04 17.78 19.87
CA LEU C 360 -11.87 18.08 20.68
C LEU C 360 -10.89 16.92 20.68
N ARG C 361 -11.40 15.69 20.81
CA ARG C 361 -10.52 14.54 20.87
C ARG C 361 -9.93 14.21 19.49
N LEU C 362 -10.71 14.39 18.43
CA LEU C 362 -10.16 14.28 17.08
C LEU C 362 -9.01 15.25 16.91
N ARG C 363 -9.19 16.49 17.35
CA ARG C 363 -8.10 17.47 17.33
C ARG C 363 -6.88 16.93 18.06
N ASP C 364 -7.09 16.39 19.27
CA ASP C 364 -5.97 15.82 20.03
C ASP C 364 -5.21 14.78 19.21
N ASN C 365 -5.92 14.00 18.40
CA ASN C 365 -5.32 12.88 17.68
C ASN C 365 -4.90 13.26 16.26
N GLY C 366 -4.89 14.54 15.93
CA GLY C 366 -4.34 14.97 14.65
C GLY C 366 -5.34 15.09 13.51
N LEU C 367 -6.63 15.35 13.81
CA LEU C 367 -7.63 15.48 12.75
C LEU C 367 -8.62 16.56 13.14
N LEU C 368 -8.93 17.47 12.21
CA LEU C 368 -9.74 18.65 12.49
C LEU C 368 -11.11 18.55 11.83
N ALA C 369 -12.16 18.57 12.65
CA ALA C 369 -13.52 18.52 12.15
C ALA C 369 -14.39 19.42 13.02
N LYS C 370 -15.50 19.86 12.45
CA LYS C 370 -16.34 20.73 13.26
C LYS C 370 -17.73 20.13 13.43
N PRO C 371 -18.32 20.25 14.62
CA PRO C 371 -19.71 19.81 14.79
C PRO C 371 -20.68 20.86 14.31
N THR C 372 -21.87 20.39 13.89
CA THR C 372 -22.84 21.28 13.27
C THR C 372 -24.09 21.48 14.10
N HIS C 373 -24.48 20.53 14.97
CA HIS C 373 -25.68 20.72 15.77
C HIS C 373 -25.66 20.01 17.13
N GLY C 374 -24.48 19.70 17.69
CA GLY C 374 -24.41 18.96 18.92
C GLY C 374 -24.35 17.46 18.75
N ASP C 375 -24.77 16.96 17.59
CA ASP C 375 -24.68 15.53 17.32
C ASP C 375 -24.23 15.21 15.90
N ILE C 376 -23.91 16.21 15.08
CA ILE C 376 -23.49 16.00 13.70
C ILE C 376 -22.03 16.41 13.59
N ILE C 377 -21.21 15.54 13.00
CA ILE C 377 -19.82 15.85 12.67
C ILE C 377 -19.61 15.64 11.18
N ARG C 378 -19.11 16.68 10.49
CA ARG C 378 -18.81 16.60 9.07
C ARG C 378 -17.42 16.01 8.83
N PHE C 379 -17.31 15.14 7.83
CA PHE C 379 -16.04 14.59 7.40
C PHE C 379 -15.87 14.94 5.92
N ALA C 380 -15.00 15.90 5.63
CA ALA C 380 -14.90 16.50 4.31
C ALA C 380 -13.48 17.00 4.06
N PRO C 381 -12.56 16.08 3.76
CA PRO C 381 -11.18 16.49 3.49
C PRO C 381 -11.03 16.99 2.07
N PRO C 382 -9.95 17.70 1.76
CA PRO C 382 -9.76 18.18 0.38
C PRO C 382 -9.70 17.02 -0.60
N LEU C 383 -10.15 17.28 -1.84
CA LEU C 383 -10.27 16.28 -2.88
C LEU C 383 -8.93 15.79 -3.42
N VAL C 384 -7.82 16.50 -3.11
CA VAL C 384 -6.48 16.01 -3.46
C VAL C 384 -5.98 14.93 -2.50
N ILE C 385 -6.79 14.50 -1.53
CA ILE C 385 -6.32 13.47 -0.61
C ILE C 385 -6.12 12.16 -1.37
N LYS C 386 -5.11 11.39 -0.94
CA LYS C 386 -4.85 10.08 -1.53
C LYS C 386 -5.46 8.99 -0.67
N GLU C 387 -5.54 7.78 -1.23
CA GLU C 387 -6.26 6.70 -0.55
C GLU C 387 -5.61 6.30 0.76
N ASP C 388 -4.28 6.21 0.81
CA ASP C 388 -3.61 5.83 2.05
C ASP C 388 -3.73 6.91 3.12
N GLU C 389 -3.66 8.19 2.71
CA GLU C 389 -3.92 9.28 3.65
C GLU C 389 -5.34 9.20 4.20
N LEU C 390 -6.30 8.93 3.32
CA LEU C 390 -7.69 8.78 3.76
C LEU C 390 -7.81 7.64 4.79
N ARG C 391 -7.16 6.51 4.55
CA ARG C 391 -7.29 5.40 5.49
C ARG C 391 -6.62 5.73 6.83
N GLU C 392 -5.48 6.42 6.82
CA GLU C 392 -4.89 6.89 8.08
C GLU C 392 -5.86 7.82 8.84
N SER C 393 -6.55 8.72 8.11
CA SER C 393 -7.51 9.60 8.77
C SER C 393 -8.69 8.82 9.33
N ILE C 394 -9.13 7.80 8.60
CA ILE C 394 -10.24 6.95 9.04
C ILE C 394 -9.86 6.27 10.34
N GLU C 395 -8.64 5.76 10.43
CA GLU C 395 -8.23 5.10 11.66
C GLU C 395 -8.13 6.10 12.81
N ILE C 396 -7.78 7.36 12.54
CA ILE C 396 -7.85 8.38 13.58
C ILE C 396 -9.29 8.53 14.08
N ILE C 397 -10.24 8.62 13.15
CA ILE C 397 -11.65 8.72 13.52
C ILE C 397 -12.07 7.52 14.38
N ASN C 398 -11.66 6.32 13.98
CA ASN C 398 -12.03 5.11 14.71
C ASN C 398 -11.45 5.12 16.12
N LYS C 399 -10.15 5.41 16.24
CA LYS C 399 -9.52 5.49 17.55
C LYS C 399 -10.23 6.50 18.44
N THR C 400 -10.58 7.65 17.85
CA THR C 400 -11.24 8.69 18.62
C THR C 400 -12.61 8.22 19.11
N ILE C 401 -13.47 7.75 18.21
CA ILE C 401 -14.82 7.38 18.61
C ILE C 401 -14.79 6.21 19.58
N LEU C 402 -13.97 5.20 19.29
CA LEU C 402 -13.89 4.03 20.15
C LEU C 402 -13.08 4.27 21.42
N SER C 403 -12.50 5.44 21.60
CA SER C 403 -11.86 5.73 22.87
C SER C 403 -12.85 6.17 23.95
N PHE C 404 -14.08 6.48 23.58
CA PHE C 404 -15.04 6.99 24.56
C PHE C 404 -15.73 5.88 25.33
N THR D . -5.37 -18.24 28.10
CA THR D . -5.54 -17.28 27.01
C THR D . -6.44 -16.13 27.38
O THR D . -5.91 -15.01 27.20
CB THR D . -6.15 -17.93 25.77
OG1 THR D . -5.25 -18.97 25.82
CG2 THR D . -5.86 -17.06 24.58
C18 7QP E . -5.71 -24.70 26.55
C17 7QP E . -4.21 -24.61 24.41
C16 7QP E . -5.12 -25.31 25.24
C13 7QP E . -4.12 -26.59 22.99
C12 7QP E . -3.73 -25.26 23.26
C11 7QP E . -2.67 -21.13 27.40
C01 7QP E . -1.49 -20.22 25.30
C02 7QP E . -1.46 -20.43 26.85
C03 7QP E . -1.09 -19.42 27.97
C06 7QP E . -2.65 -20.97 24.57
C08 7QP E . -3.93 -20.82 25.35
C09 7QP E . -3.83 -23.11 24.73
O40 7QP E . -6.58 -23.64 26.28
O42 7QP E . -8.23 -21.86 26.92
O43 7QP E . -5.80 -21.63 27.57
O44 7QP E . -7.10 -23.21 28.84
P41 7QP E . -6.96 -22.54 27.49
C10 7QP E . -3.60 -20.18 26.68
C15 7QP E . -5.46 -26.64 24.91
C20 7QP E . -3.56 -27.26 21.75
C21 7QP E . -5.06 -19.94 24.82
N07 7QP E . -2.70 -22.24 24.13
N14 7QP E . -4.93 -27.23 23.80
O04 7QP E . -1.03 -18.16 27.81
O05 7QP E . -0.91 -19.96 29.09
O19 7QP E . -2.85 -24.58 22.42
N THR F . 30.55 2.00 -11.92
CA THR F . 29.27 1.50 -11.41
C THR F . 29.43 0.96 -10.00
O THR F . 28.46 0.96 -9.20
CB THR F . 28.78 0.32 -12.24
OG1 THR F . 29.17 0.43 -13.61
CG2 THR F . 27.28 0.18 -12.09
C18 7QP G . 32.26 0.90 -18.21
C17 7QP G . 29.91 1.21 -19.14
C16 7QP G . 31.24 0.81 -19.37
C13 7QP G . 29.47 0.66 -21.48
C12 7QP G . 29.01 1.14 -20.23
C11 7QP G . 26.76 4.45 -14.46
C01 7QP G . 29.10 4.37 -15.72
C02 7QP G . 28.14 5.10 -14.77
C03 7QP G . 28.94 5.75 -13.64
C06 7QP G . 28.83 2.89 -15.93
C08 7QP G . 28.06 2.45 -14.72
C09 7QP G . 29.68 1.73 -17.69
O40 7QP G . 31.86 0.04 -17.18
O42 7QP G . 31.55 1.43 -14.99
O43 7QP G . 33.81 0.72 -15.57
O44 7QP G . 32.09 -1.02 -14.89
P41 7QP G . 32.35 0.31 -15.61
C10 7QP G . 26.68 2.99 -14.92
C15 7QP G . 31.62 0.35 -20.63
C20 7QP G . 28.52 0.56 -22.66
C21 7QP G . 28.24 0.92 -14.60
N07 7QP G . 28.49 2.45 -17.13
N14 7QP G . 30.73 0.30 -21.62
O04 7QP G . 28.36 6.02 -12.54
O05 7QP G . 30.15 6.01 -13.88
O19 7QP G . 27.68 1.53 -20.08
N THR H . -17.53 33.03 5.41
CA THR H . -16.39 32.12 5.36
C THR H . -15.06 32.87 5.42
O THR H . -14.15 32.37 6.11
CB THR H . -16.40 31.23 4.11
OG1 THR H . -17.74 31.09 3.58
CG2 THR H . -15.72 29.91 4.38
C18 7QP I . -22.97 31.65 1.65
C17 7QP I . -22.95 29.10 2.07
C16 7QP I . -23.46 30.22 1.36
C13 7QP I . -24.39 27.71 0.74
C12 7QP I . -23.44 27.84 1.74
C11 7QP I . -18.63 29.41 6.92
C01 7QP I . -20.91 28.54 6.55
C02 7QP I . -19.96 29.16 7.61
C03 7QP I . -20.27 30.51 8.35
C06 7QP I . -20.52 28.65 5.06
C08 7QP I . -19.73 29.94 4.76
C09 7QP I . -21.86 29.37 3.20
O40 7QP I . -21.60 31.70 1.39
O42 7QP I . -19.44 33.03 1.18
O43 7QP I . -20.36 32.61 3.46
O44 7QP I . -21.48 34.25 2.02
P41 7QP I . -20.71 32.95 2.03
C10 7QP I . -19.12 30.53 5.99
C15 7QP I . -24.40 30.00 0.35
C20 7QP I . -24.93 26.34 0.36
C21 7QP I . -18.65 29.93 3.62
N07 7QP I . -21.36 28.28 4.12
N14 7QP I . -24.83 28.77 0.09
O04 7QP I . -19.29 31.09 8.93
O05 7QP I . -21.41 31.07 8.32
O19 7QP I . -22.99 26.71 2.43
#